data_8WNJ
#
_entry.id   8WNJ
#
_cell.length_a   52.783
_cell.length_b   52.912
_cell.length_c   103.054
_cell.angle_alpha   92.41
_cell.angle_beta   97.37
_cell.angle_gamma   104.35
#
_symmetry.space_group_name_H-M   'P 1'
#
loop_
_entity.id
_entity.type
_entity.pdbx_description
1 polymer 'Isoleucine--tRNA ligase'
2 non-polymer 'ZINC ION'
3 non-polymer GLYCEROL
4 non-polymer '[[(2R,3S,4R,5R)-5-(6-aminopurin-9-yl)-3,4-bis(oxidanyl)oxolan-2-yl]methoxy-oxidanyl-phosphoryl] (2S,3S)-2-azanyl-3-methyl-pentanoate'
5 non-polymer 'ACETATE ION'
6 water water
#
_entity_poly.entity_id   1
_entity_poly.type   'polypeptide(L)'
_entity_poly.pdbx_seq_one_letter_code
;MEEYKDTLNLNTTTFSMKGNLSVNEPKTYAKWQEQQAFKRMQARKDNHGDFTLHDGPPYANGHLHLGHALNKILKDIVVK
REYFKGKKIYYTPGWDCHGLPIEQQILERLEKEKTSLENPTLFREKCRDHAKKFLEIQKNEFLQLGVLGDFEDPYKTMDF
KFEASIYRALVEVAKKGLLKERHKPIYWSYACESALAEAEVEYKMKKSPSIFVAFGLKKESLEKLKVKKASLVIWTTTPW
TLYANVAIALKKDAVYALTQKGYLVAKALHEKLAALGVVDNEITHEFNSNDLEYLVATNPLNQRDSLVALGEHVGLEDGT
GAVHTAPGHGEEDYYLGLRYNLEVLMSVDEKGCYDEGIIHNQLLDESYLGEHVFKAQKRIIEQLGDSLLLEQEIEHSYPH
CWRTHKPVIYRATTQWFILMDEPFIQNDGSQKTLREVALDAIEKVEFVPSSGKNRLKTMIENRPDWCLSRQRKWGVPLAF
FIDKRTNKPCFESEVLEHVANLFEKKGCDVWWEYSVKDLLPPSYQEDAKHYEKIMHILDVWFDSGSTFKAVLEDYHGEKG
QSPSDVILEGSDQHRGWFQSSLLIGCVLNNQAPFKKVITHGFIVDEKGEKMSKSKGNVVSLDKLLKTHGSDVVRLWVAFN
DYQNDLRVSQTFFTQTEQHYKKFRNTLKFLLANFSDMDLKNLERPHNFSPLDHFMLETLETISAGVNSAFEEHDFVKGLN
ILMAFVTNELSGIYLDACKDSLYCDSKNNEKRQAIQMVLLATASKLCYFLAPILTHTIEEVLEHSQALRIFLQAKDVFDL
KDISVSEKLHLKEFKKPENFEAVLALRSAFNEELDRLKKEGVIKNSLECAIEVKEKALDENLVEELLMVSFVGIAKEKLS
ETPAFTLFKAPFYKCPRCWRFKSELENTPCKRCEQVLKER
;
_entity_poly.pdbx_strand_id   A
#
# COMPACT_ATOMS: atom_id res chain seq x y z
N GLU A 3 -15.61 0.27 -57.77
CA GLU A 3 -14.47 -0.22 -58.53
C GLU A 3 -13.29 0.77 -58.48
N TYR A 4 -13.35 1.69 -57.52
CA TYR A 4 -12.24 2.60 -57.24
C TYR A 4 -11.55 2.31 -55.92
N LYS A 5 -12.03 1.33 -55.15
CA LYS A 5 -11.47 1.10 -53.82
C LYS A 5 -9.97 0.80 -53.89
N ASP A 6 -9.53 0.08 -54.92
CA ASP A 6 -8.11 -0.25 -55.00
C ASP A 6 -7.25 0.90 -55.47
N THR A 7 -7.84 2.07 -55.80
CA THR A 7 -7.07 3.26 -56.17
C THR A 7 -6.82 4.18 -54.98
N LEU A 8 -7.42 3.87 -53.83
CA LEU A 8 -7.20 4.66 -52.64
C LEU A 8 -5.84 4.35 -52.03
N ASN A 9 -5.39 5.21 -51.12
CA ASN A 9 -4.23 4.87 -50.33
C ASN A 9 -4.58 3.74 -49.39
N LEU A 10 -3.69 2.74 -49.29
CA LEU A 10 -3.97 1.55 -48.50
C LEU A 10 -4.05 1.88 -47.00
N ASN A 11 -3.07 2.61 -46.48
CA ASN A 11 -3.05 3.06 -45.08
C ASN A 11 -3.29 1.91 -44.11
N THR A 12 -2.41 0.90 -44.19
CA THR A 12 -2.46 -0.19 -43.22
C THR A 12 -1.14 -0.29 -42.46
N THR A 13 -1.22 -0.95 -41.31
CA THR A 13 -0.06 -1.25 -40.47
C THR A 13 -0.10 -2.71 -40.05
N THR A 14 1.09 -3.25 -39.76
CA THR A 14 1.20 -4.60 -39.25
C THR A 14 0.80 -4.69 -37.78
N PHE A 15 0.73 -3.55 -37.08
CA PHE A 15 0.28 -3.50 -35.70
C PHE A 15 -1.18 -3.94 -35.60
N SER A 16 -1.44 -4.96 -34.79
CA SER A 16 -2.73 -5.64 -34.87
C SER A 16 -3.75 -4.98 -33.95
N MET A 17 -5.02 -5.09 -34.36
CA MET A 17 -6.08 -4.58 -33.50
C MET A 17 -6.15 -5.38 -32.20
N LYS A 18 -6.08 -6.70 -32.29
CA LYS A 18 -6.16 -7.55 -31.12
C LYS A 18 -4.82 -7.56 -30.38
N GLY A 19 -4.89 -7.49 -29.05
CA GLY A 19 -3.68 -7.48 -28.24
C GLY A 19 -2.96 -8.82 -28.21
N ASN A 20 -3.73 -9.92 -28.24
CA ASN A 20 -3.13 -11.27 -28.14
C ASN A 20 -2.20 -11.32 -26.93
N LEU A 21 -2.65 -10.74 -25.82
CA LEU A 21 -1.70 -10.39 -24.76
C LEU A 21 -1.14 -11.63 -24.05
N SER A 22 -1.95 -12.68 -23.90
CA SER A 22 -1.48 -13.90 -23.22
C SER A 22 -0.32 -14.54 -23.96
N VAL A 23 -0.27 -14.37 -25.28
CA VAL A 23 0.80 -14.93 -26.10
C VAL A 23 1.99 -14.00 -26.18
N ASN A 24 1.73 -12.70 -26.41
CA ASN A 24 2.79 -11.75 -26.75
C ASN A 24 3.51 -11.17 -25.52
N GLU A 25 2.78 -10.88 -24.43
CA GLU A 25 3.42 -10.29 -23.27
C GLU A 25 4.53 -11.15 -22.68
N PRO A 26 4.37 -12.47 -22.51
CA PRO A 26 5.49 -13.27 -22.00
C PRO A 26 6.75 -13.16 -22.85
N LYS A 27 6.60 -13.04 -24.17
CA LYS A 27 7.76 -12.87 -25.04
C LYS A 27 8.48 -11.56 -24.76
N THR A 28 7.71 -10.47 -24.60
CA THR A 28 8.32 -9.19 -24.27
C THR A 28 9.08 -9.25 -22.95
N TYR A 29 8.44 -9.80 -21.90
CA TYR A 29 9.05 -9.79 -20.58
C TYR A 29 10.25 -10.72 -20.54
N ALA A 30 10.17 -11.86 -21.24
CA ALA A 30 11.34 -12.73 -21.34
C ALA A 30 12.49 -12.01 -22.01
N LYS A 31 12.22 -11.25 -23.08
CA LYS A 31 13.27 -10.50 -23.76
C LYS A 31 13.92 -9.48 -22.83
N TRP A 32 13.10 -8.72 -22.10
CA TRP A 32 13.64 -7.72 -21.16
C TRP A 32 14.52 -8.39 -20.11
N GLN A 33 14.18 -9.62 -19.70
CA GLN A 33 15.03 -10.31 -18.75
C GLN A 33 16.33 -10.76 -19.42
N GLU A 34 16.21 -11.39 -20.58
CA GLU A 34 17.39 -11.87 -21.32
C GLU A 34 18.31 -10.72 -21.69
N GLN A 35 17.74 -9.57 -22.07
CA GLN A 35 18.53 -8.44 -22.51
C GLN A 35 18.92 -7.48 -21.38
N GLN A 36 18.54 -7.77 -20.13
CA GLN A 36 18.92 -6.97 -18.97
C GLN A 36 18.49 -5.51 -19.14
N ALA A 37 17.21 -5.33 -19.46
CA ALA A 37 16.65 -4.01 -19.68
C ALA A 37 16.87 -3.07 -18.49
N PHE A 38 16.71 -3.58 -17.25
CA PHE A 38 16.85 -2.65 -16.12
C PHE A 38 18.29 -2.14 -16.00
N LYS A 39 19.27 -3.02 -16.23
CA LYS A 39 20.65 -2.57 -16.20
C LYS A 39 20.92 -1.58 -17.33
N ARG A 40 20.30 -1.81 -18.50
CA ARG A 40 20.43 -0.87 -19.60
C ARG A 40 19.86 0.50 -19.23
N MET A 41 18.73 0.52 -18.53
CA MET A 41 18.14 1.78 -18.06
C MET A 41 19.09 2.52 -17.13
N GLN A 42 19.68 1.79 -16.18
CA GLN A 42 20.59 2.40 -15.23
C GLN A 42 21.86 2.91 -15.92
N ALA A 43 22.28 2.25 -17.00
CA ALA A 43 23.51 2.60 -17.70
C ALA A 43 23.32 3.67 -18.75
N ARG A 44 22.08 4.13 -19.01
CA ARG A 44 21.84 5.11 -20.06
C ARG A 44 22.78 6.30 -19.92
N LYS A 45 23.44 6.66 -21.02
CA LYS A 45 24.61 7.54 -20.92
C LYS A 45 24.22 8.96 -20.55
N ASP A 46 23.04 9.41 -20.94
CA ASP A 46 22.66 10.80 -20.70
C ASP A 46 21.73 10.94 -19.49
N ASN A 47 21.78 10.01 -18.54
CA ASN A 47 21.02 10.16 -17.30
C ASN A 47 21.33 11.51 -16.68
N HIS A 48 20.27 12.15 -16.17
CA HIS A 48 20.40 13.46 -15.55
C HIS A 48 19.51 13.47 -14.32
N GLY A 49 20.12 13.63 -13.15
CA GLY A 49 19.41 13.52 -11.91
C GLY A 49 19.24 12.07 -11.50
N ASP A 50 18.86 11.87 -10.23
CA ASP A 50 18.80 10.57 -9.59
C ASP A 50 17.44 10.42 -8.94
N PHE A 51 16.90 9.20 -8.96
CA PHE A 51 15.64 8.90 -8.28
C PHE A 51 15.73 7.53 -7.60
N THR A 52 15.45 7.51 -6.29
CA THR A 52 15.48 6.27 -5.51
C THR A 52 14.07 5.94 -5.01
N LEU A 53 13.58 4.78 -5.41
CA LEU A 53 12.44 4.18 -4.73
C LEU A 53 12.97 3.02 -3.92
N HIS A 54 12.75 3.06 -2.59
CA HIS A 54 13.19 1.96 -1.77
C HIS A 54 12.04 0.97 -1.61
N ASP A 55 12.24 -0.22 -2.15
CA ASP A 55 11.24 -1.29 -2.05
C ASP A 55 11.08 -1.74 -0.60
N GLY A 56 9.83 -1.78 -0.13
CA GLY A 56 9.52 -2.47 1.10
C GLY A 56 9.35 -3.95 0.79
N PRO A 57 9.92 -4.83 1.62
CA PRO A 57 10.10 -6.25 1.21
C PRO A 57 8.89 -7.10 1.56
N PRO A 58 8.23 -7.70 0.57
CA PRO A 58 7.16 -8.64 0.89
C PRO A 58 7.75 -9.85 1.61
N TYR A 59 6.92 -10.47 2.47
CA TYR A 59 7.34 -11.71 3.11
C TYR A 59 7.51 -12.82 2.08
N ALA A 60 8.62 -13.57 2.21
CA ALA A 60 8.96 -14.66 1.28
C ALA A 60 8.18 -15.91 1.66
N ASN A 61 6.87 -15.80 1.51
CA ASN A 61 5.94 -16.88 1.79
C ASN A 61 4.80 -16.73 0.80
N GLY A 62 4.48 -17.82 0.12
CA GLY A 62 3.31 -17.91 -0.72
C GLY A 62 3.51 -17.34 -2.11
N HIS A 63 2.58 -17.69 -3.00
CA HIS A 63 2.48 -17.04 -4.29
C HIS A 63 1.93 -15.62 -4.12
N LEU A 64 2.19 -14.78 -5.12
CA LEU A 64 1.64 -13.43 -5.14
C LEU A 64 0.12 -13.46 -5.24
N HIS A 65 -0.51 -12.46 -4.62
CA HIS A 65 -1.92 -12.18 -4.85
C HIS A 65 -2.06 -10.80 -5.50
N LEU A 66 -3.31 -10.45 -5.79
CA LEU A 66 -3.56 -9.23 -6.55
C LEU A 66 -3.07 -8.00 -5.80
N GLY A 67 -3.02 -8.06 -4.47
CA GLY A 67 -2.46 -6.94 -3.71
C GLY A 67 -0.99 -6.70 -3.99
N HIS A 68 -0.19 -7.78 -4.06
CA HIS A 68 1.22 -7.62 -4.45
C HIS A 68 1.32 -7.04 -5.85
N ALA A 69 0.46 -7.52 -6.75
CA ALA A 69 0.48 -7.01 -8.11
C ALA A 69 0.18 -5.51 -8.14
N LEU A 70 -0.88 -5.11 -7.43
CA LEU A 70 -1.19 -3.68 -7.29
C LEU A 70 0.04 -2.91 -6.82
N ASN A 71 0.70 -3.43 -5.77
CA ASN A 71 1.83 -2.73 -5.20
C ASN A 71 2.97 -2.59 -6.19
N LYS A 72 3.37 -3.70 -6.84
CA LYS A 72 4.54 -3.64 -7.70
C LYS A 72 4.25 -2.85 -8.98
N ILE A 73 3.01 -2.94 -9.49
CA ILE A 73 2.64 -2.16 -10.67
C ILE A 73 2.70 -0.66 -10.37
N LEU A 74 2.19 -0.22 -9.20
CA LEU A 74 2.29 1.19 -8.85
C LEU A 74 3.76 1.65 -8.74
N LYS A 75 4.60 0.84 -8.09
CA LYS A 75 6.02 1.17 -8.03
C LYS A 75 6.62 1.29 -9.42
N ASP A 76 6.18 0.41 -10.32
CA ASP A 76 6.73 0.36 -11.68
C ASP A 76 6.32 1.60 -12.47
N ILE A 77 5.07 2.07 -12.30
CA ILE A 77 4.66 3.28 -12.98
C ILE A 77 5.47 4.47 -12.51
N VAL A 78 5.65 4.56 -11.19
CA VAL A 78 6.42 5.66 -10.59
C VAL A 78 7.87 5.63 -11.07
N VAL A 79 8.48 4.45 -11.03
CA VAL A 79 9.88 4.32 -11.45
C VAL A 79 10.02 4.64 -12.94
N LYS A 80 9.15 4.05 -13.77
CA LYS A 80 9.27 4.29 -15.20
C LYS A 80 9.02 5.76 -15.54
N ARG A 81 8.10 6.41 -14.83
CA ARG A 81 7.93 7.86 -15.04
C ARG A 81 9.25 8.59 -14.85
N GLU A 82 9.95 8.28 -13.76
CA GLU A 82 11.19 9.00 -13.48
C GLU A 82 12.27 8.66 -14.51
N TYR A 83 12.30 7.40 -14.92
CA TYR A 83 13.25 6.99 -15.96
C TYR A 83 12.99 7.78 -17.24
N PHE A 84 11.73 7.83 -17.68
CA PHE A 84 11.45 8.51 -18.93
C PHE A 84 11.56 10.03 -18.80
N LYS A 85 11.54 10.57 -17.57
CA LYS A 85 11.88 11.98 -17.42
C LYS A 85 13.38 12.23 -17.56
N GLY A 86 14.21 11.18 -17.51
CA GLY A 86 15.61 11.34 -17.84
C GLY A 86 16.58 10.98 -16.72
N LYS A 87 16.05 10.42 -15.64
CA LYS A 87 16.86 10.24 -14.45
C LYS A 87 17.52 8.87 -14.39
N LYS A 88 18.62 8.83 -13.66
CA LYS A 88 19.18 7.58 -13.20
C LYS A 88 18.28 7.03 -12.10
N ILE A 89 17.83 5.79 -12.25
CA ILE A 89 16.90 5.20 -11.30
C ILE A 89 17.61 4.12 -10.47
N TYR A 90 17.17 4.05 -9.21
CA TYR A 90 17.61 3.03 -8.26
C TYR A 90 16.36 2.37 -7.72
N TYR A 91 16.25 1.06 -7.94
CA TYR A 91 15.08 0.31 -7.44
C TYR A 91 15.52 -1.15 -7.32
N THR A 92 16.02 -1.49 -6.13
CA THR A 92 16.38 -2.86 -5.78
C THR A 92 15.24 -3.50 -5.00
N PRO A 93 14.48 -4.42 -5.58
CA PRO A 93 13.44 -5.10 -4.81
C PRO A 93 14.08 -5.99 -3.76
N GLY A 94 13.31 -6.23 -2.68
CA GLY A 94 13.81 -7.01 -1.57
C GLY A 94 12.76 -8.01 -1.08
N TRP A 95 13.24 -8.97 -0.27
CA TRP A 95 12.36 -9.91 0.39
C TRP A 95 12.65 -9.98 1.89
N ASP A 96 11.54 -10.08 2.65
CA ASP A 96 11.49 -10.13 4.11
C ASP A 96 11.42 -11.63 4.46
N CYS A 97 12.53 -12.20 4.91
CA CYS A 97 12.66 -13.65 4.93
C CYS A 97 12.55 -14.29 6.31
N HIS A 98 12.66 -13.50 7.38
CA HIS A 98 12.61 -14.08 8.71
C HIS A 98 11.20 -14.04 9.29
N GLY A 99 11.08 -14.56 10.50
CA GLY A 99 9.88 -14.33 11.29
C GLY A 99 8.79 -15.37 11.12
N LEU A 100 7.74 -15.21 11.92
CA LEU A 100 6.60 -16.12 11.84
C LEU A 100 5.92 -16.17 10.47
N PRO A 101 5.93 -15.13 9.61
CA PRO A 101 5.34 -15.32 8.26
C PRO A 101 5.96 -16.51 7.52
N ILE A 102 7.22 -16.80 7.79
CA ILE A 102 7.88 -17.99 7.27
C ILE A 102 7.83 -19.12 8.29
N GLU A 103 8.21 -18.83 9.54
CA GLU A 103 8.37 -19.90 10.52
C GLU A 103 7.04 -20.61 10.80
N GLN A 104 5.91 -19.87 10.83
CA GLN A 104 4.63 -20.52 11.13
C GLN A 104 4.29 -21.59 10.10
N GLN A 105 4.71 -21.38 8.84
CA GLN A 105 4.43 -22.38 7.81
C GLN A 105 5.20 -23.68 8.08
N ILE A 106 6.43 -23.56 8.57
CA ILE A 106 7.18 -24.74 8.97
C ILE A 106 6.51 -25.42 10.16
N LEU A 107 6.08 -24.63 11.14
CA LEU A 107 5.40 -25.20 12.31
C LEU A 107 4.12 -25.92 11.91
N GLU A 108 3.34 -25.34 10.99
CA GLU A 108 2.11 -26.01 10.59
C GLU A 108 2.37 -27.29 9.80
N ARG A 109 3.39 -27.29 8.93
CA ARG A 109 3.69 -28.48 8.14
C ARG A 109 4.19 -29.62 9.03
N LEU A 110 5.03 -29.30 10.01
CA LEU A 110 5.47 -30.32 10.95
C LEU A 110 4.28 -30.95 11.65
N GLU A 111 3.27 -30.14 11.99
CA GLU A 111 2.04 -30.68 12.55
C GLU A 111 1.37 -31.64 11.57
N LYS A 112 1.07 -31.17 10.36
CA LYS A 112 0.33 -32.02 9.42
C LYS A 112 1.05 -33.34 9.20
N GLU A 113 2.36 -33.30 9.01
CA GLU A 113 3.18 -34.50 8.89
C GLU A 113 3.34 -35.24 10.21
N LYS A 114 2.83 -34.68 11.31
CA LYS A 114 3.00 -35.24 12.66
C LYS A 114 4.49 -35.49 12.97
N THR A 115 5.24 -34.39 12.98
CA THR A 115 6.68 -34.48 13.21
C THR A 115 7.15 -33.23 13.95
N SER A 116 8.41 -33.25 14.38
CA SER A 116 9.00 -32.13 15.10
C SER A 116 10.42 -31.94 14.62
N LEU A 117 10.96 -30.73 14.84
CA LEU A 117 12.34 -30.42 14.45
C LEU A 117 12.96 -29.48 15.48
N GLU A 118 13.75 -30.06 16.40
CA GLU A 118 14.23 -29.37 17.59
C GLU A 118 15.66 -28.83 17.47
N ASN A 119 16.41 -29.27 16.47
CA ASN A 119 17.78 -28.78 16.26
C ASN A 119 17.75 -27.36 15.68
N PRO A 120 18.31 -26.36 16.38
CA PRO A 120 18.14 -24.96 15.91
C PRO A 120 18.69 -24.69 14.53
N THR A 121 19.88 -25.22 14.22
CA THR A 121 20.46 -25.00 12.91
C THR A 121 19.63 -25.67 11.83
N LEU A 122 19.14 -26.89 12.10
CA LEU A 122 18.31 -27.59 11.13
C LEU A 122 16.95 -26.91 10.99
N PHE A 123 16.39 -26.43 12.10
CA PHE A 123 15.13 -25.71 12.04
C PHE A 123 15.27 -24.43 11.22
N ARG A 124 16.30 -23.63 11.51
CA ARG A 124 16.53 -22.41 10.75
C ARG A 124 16.77 -22.73 9.27
N GLU A 125 17.41 -23.88 8.97
CA GLU A 125 17.63 -24.26 7.58
C GLU A 125 16.31 -24.54 6.86
N LYS A 126 15.35 -25.19 7.55
CA LYS A 126 14.06 -25.43 6.90
C LYS A 126 13.33 -24.12 6.64
N CYS A 127 13.43 -23.17 7.57
CA CYS A 127 12.85 -21.85 7.36
C CYS A 127 13.52 -21.14 6.21
N ARG A 128 14.86 -21.14 6.21
CA ARG A 128 15.62 -20.47 5.15
C ARG A 128 15.31 -21.06 3.78
N ASP A 129 15.25 -22.40 3.67
CA ASP A 129 14.95 -23.03 2.40
C ASP A 129 13.54 -22.65 1.90
N HIS A 130 12.60 -22.50 2.83
CA HIS A 130 11.26 -22.06 2.48
C HIS A 130 11.27 -20.65 1.93
N ALA A 131 11.98 -19.73 2.61
CA ALA A 131 12.10 -18.36 2.10
C ALA A 131 12.80 -18.34 0.74
N LYS A 132 13.83 -19.16 0.57
CA LYS A 132 14.51 -19.20 -0.73
C LYS A 132 13.55 -19.66 -1.83
N LYS A 133 12.74 -20.67 -1.53
CA LYS A 133 11.80 -21.21 -2.51
C LYS A 133 10.80 -20.16 -2.97
N PHE A 134 10.16 -19.48 -2.01
CA PHE A 134 9.11 -18.55 -2.38
C PHE A 134 9.66 -17.19 -2.84
N LEU A 135 10.90 -16.84 -2.46
CA LEU A 135 11.51 -15.66 -3.06
C LEU A 135 11.62 -15.82 -4.58
N GLU A 136 12.02 -17.01 -5.06
CA GLU A 136 12.15 -17.21 -6.50
C GLU A 136 10.78 -17.23 -7.18
N ILE A 137 9.81 -17.89 -6.54
CA ILE A 137 8.47 -17.94 -7.12
C ILE A 137 7.92 -16.53 -7.27
N GLN A 138 8.03 -15.73 -6.21
CA GLN A 138 7.51 -14.37 -6.25
C GLN A 138 8.28 -13.51 -7.24
N LYS A 139 9.59 -13.69 -7.32
CA LYS A 139 10.38 -12.90 -8.28
C LYS A 139 9.87 -13.11 -9.71
N ASN A 140 9.65 -14.36 -10.08
CA ASN A 140 9.17 -14.62 -11.44
C ASN A 140 7.74 -14.15 -11.62
N GLU A 141 6.89 -14.27 -10.59
CA GLU A 141 5.52 -13.77 -10.75
C GLU A 141 5.49 -12.25 -10.84
N PHE A 142 6.42 -11.56 -10.15
CA PHE A 142 6.53 -10.12 -10.33
C PHE A 142 6.93 -9.78 -11.76
N LEU A 143 7.90 -10.51 -12.33
CA LEU A 143 8.38 -10.18 -13.66
C LEU A 143 7.29 -10.39 -14.70
N GLN A 144 6.34 -11.29 -14.41
CA GLN A 144 5.23 -11.53 -15.32
C GLN A 144 4.26 -10.36 -15.39
N LEU A 145 4.36 -9.38 -14.48
CA LEU A 145 3.55 -8.17 -14.53
C LEU A 145 4.20 -7.09 -15.36
N GLY A 146 5.38 -7.37 -15.94
CA GLY A 146 6.06 -6.37 -16.73
C GLY A 146 6.86 -5.34 -15.97
N VAL A 147 7.14 -5.58 -14.67
CA VAL A 147 7.84 -4.58 -13.86
C VAL A 147 9.33 -4.71 -14.10
N LEU A 148 10.04 -3.59 -13.93
CA LEU A 148 11.48 -3.53 -14.13
C LEU A 148 12.17 -3.03 -12.88
N GLY A 149 13.15 -3.80 -12.44
CA GLY A 149 13.98 -3.43 -11.30
C GLY A 149 15.13 -4.40 -11.23
N ASP A 150 15.93 -4.28 -10.17
CA ASP A 150 17.11 -5.14 -10.06
C ASP A 150 16.73 -6.49 -9.44
N PHE A 151 15.85 -7.20 -10.15
CA PHE A 151 15.30 -8.45 -9.66
C PHE A 151 16.29 -9.60 -9.72
N GLU A 152 17.33 -9.49 -10.53
CA GLU A 152 18.38 -10.51 -10.51
C GLU A 152 19.40 -10.28 -9.39
N ASP A 153 19.35 -9.13 -8.71
CA ASP A 153 20.21 -8.88 -7.54
C ASP A 153 19.37 -8.23 -6.44
N PRO A 154 18.33 -8.93 -5.96
CA PRO A 154 17.47 -8.35 -4.93
C PRO A 154 18.11 -8.40 -3.56
N TYR A 155 17.60 -7.58 -2.66
CA TYR A 155 18.09 -7.71 -1.30
C TYR A 155 17.25 -8.75 -0.55
N LYS A 156 17.88 -9.39 0.45
CA LYS A 156 17.26 -10.49 1.20
C LYS A 156 17.65 -10.35 2.66
N THR A 157 16.66 -10.26 3.57
CA THR A 157 17.05 -10.10 4.96
C THR A 157 17.79 -11.32 5.52
N MET A 158 17.74 -12.47 4.84
CA MET A 158 18.46 -13.68 5.23
C MET A 158 19.88 -13.76 4.66
N ASP A 159 20.25 -12.86 3.76
CA ASP A 159 21.66 -12.78 3.37
C ASP A 159 22.50 -12.50 4.62
N PHE A 160 23.68 -13.12 4.69
CA PHE A 160 24.51 -12.97 5.89
C PHE A 160 24.88 -11.51 6.12
N LYS A 161 25.21 -10.77 5.05
CA LYS A 161 25.55 -9.37 5.21
C LYS A 161 24.37 -8.55 5.73
N PHE A 162 23.16 -8.89 5.29
CA PHE A 162 21.96 -8.20 5.77
C PHE A 162 21.71 -8.50 7.25
N GLU A 163 21.85 -9.78 7.65
CA GLU A 163 21.72 -10.10 9.07
C GLU A 163 22.70 -9.28 9.90
N ALA A 164 23.93 -9.11 9.41
CA ALA A 164 24.90 -8.28 10.12
C ALA A 164 24.45 -6.83 10.16
N SER A 165 23.87 -6.34 9.05
CA SER A 165 23.40 -4.95 8.99
C SER A 165 22.30 -4.70 10.01
N ILE A 166 21.37 -5.66 10.14
CA ILE A 166 20.29 -5.55 11.11
C ILE A 166 20.88 -5.49 12.52
N TYR A 167 21.83 -6.38 12.80
CA TYR A 167 22.49 -6.39 14.10
C TYR A 167 23.22 -5.09 14.36
N ARG A 168 23.93 -4.55 13.35
CA ARG A 168 24.63 -3.28 13.54
C ARG A 168 23.64 -2.13 13.76
N ALA A 169 22.46 -2.17 13.13
CA ALA A 169 21.42 -1.19 13.47
C ALA A 169 21.03 -1.31 14.94
N LEU A 170 20.83 -2.53 15.43
CA LEU A 170 20.47 -2.71 16.83
C LEU A 170 21.57 -2.17 17.73
N VAL A 171 22.83 -2.41 17.33
CA VAL A 171 23.98 -1.90 18.07
C VAL A 171 23.91 -0.38 18.20
N GLU A 172 23.53 0.32 17.12
CA GLU A 172 23.43 1.79 17.17
C GLU A 172 22.36 2.22 18.18
N VAL A 173 21.24 1.50 18.23
CA VAL A 173 20.20 1.80 19.22
C VAL A 173 20.73 1.62 20.63
N ALA A 174 21.44 0.52 20.87
CA ALA A 174 21.96 0.23 22.20
C ALA A 174 22.93 1.30 22.68
N LYS A 175 23.83 1.76 21.79
CA LYS A 175 24.85 2.73 22.18
C LYS A 175 24.27 4.11 22.42
N LYS A 176 23.11 4.40 21.84
CA LYS A 176 22.41 5.64 22.12
C LYS A 176 21.51 5.56 23.35
N GLY A 177 21.56 4.45 24.07
CA GLY A 177 20.90 4.38 25.36
C GLY A 177 19.42 4.07 25.32
N LEU A 178 18.88 3.63 24.18
CA LEU A 178 17.45 3.41 24.03
C LEU A 178 17.03 1.94 24.13
N LEU A 179 17.97 1.01 24.26
CA LEU A 179 17.66 -0.41 24.33
C LEU A 179 17.81 -0.86 25.78
N LYS A 180 16.67 -1.16 26.42
CA LYS A 180 16.63 -1.43 27.85
C LYS A 180 15.64 -2.54 28.16
N GLU A 181 15.95 -3.31 29.21
CA GLU A 181 15.00 -4.33 29.70
C GLU A 181 13.91 -3.67 30.51
N ARG A 182 12.68 -4.18 30.34
CA ARG A 182 11.55 -3.83 31.20
C ARG A 182 10.88 -5.13 31.63
N HIS A 183 10.35 -5.13 32.86
CA HIS A 183 9.49 -6.22 33.34
C HIS A 183 8.10 -5.66 33.51
N LYS A 184 7.15 -6.16 32.71
CA LYS A 184 5.77 -5.72 32.77
C LYS A 184 4.93 -6.70 31.95
N PRO A 185 3.62 -6.70 32.15
CA PRO A 185 2.73 -7.47 31.28
C PRO A 185 2.73 -6.95 29.87
N ILE A 186 2.92 -7.85 28.91
CA ILE A 186 2.83 -7.52 27.50
C ILE A 186 2.05 -8.61 26.77
N TYR A 187 1.62 -8.27 25.55
CA TYR A 187 1.05 -9.24 24.63
C TYR A 187 1.84 -10.54 24.65
N TRP A 188 1.15 -11.66 24.76
CA TRP A 188 1.80 -12.96 24.77
C TRP A 188 1.00 -13.91 23.90
N SER A 189 1.62 -14.43 22.84
CA SER A 189 0.98 -15.44 22.00
C SER A 189 1.31 -16.80 22.58
N TYR A 190 0.31 -17.45 23.20
CA TYR A 190 0.57 -18.76 23.81
C TYR A 190 0.78 -19.82 22.75
N ALA A 191 0.19 -19.65 21.56
CA ALA A 191 0.32 -20.69 20.55
C ALA A 191 1.76 -20.82 20.08
N CYS A 192 2.47 -19.71 19.94
CA CYS A 192 3.88 -19.73 19.55
C CYS A 192 4.80 -19.40 20.72
N GLU A 193 4.28 -19.41 21.95
CA GLU A 193 5.07 -19.18 23.15
C GLU A 193 6.04 -17.99 22.98
N SER A 194 5.49 -16.84 22.60
CA SER A 194 6.30 -15.66 22.32
C SER A 194 5.59 -14.38 22.74
N ALA A 195 6.39 -13.44 23.25
CA ALA A 195 5.97 -12.05 23.29
C ALA A 195 5.66 -11.55 21.88
N LEU A 196 4.82 -10.52 21.82
CA LEU A 196 4.47 -9.82 20.58
C LEU A 196 4.41 -8.32 20.84
N ALA A 197 4.53 -7.54 19.77
CA ALA A 197 4.24 -6.12 19.81
C ALA A 197 3.12 -5.80 18.82
N GLU A 198 2.78 -4.50 18.72
CA GLU A 198 1.51 -4.11 18.08
C GLU A 198 1.40 -4.60 16.64
N ALA A 199 2.46 -4.46 15.84
CA ALA A 199 2.32 -4.83 14.44
C ALA A 199 2.08 -6.33 14.23
N GLU A 200 2.26 -7.17 15.26
CA GLU A 200 2.03 -8.60 15.18
C GLU A 200 0.69 -9.02 15.78
N VAL A 201 -0.18 -8.05 16.10
CA VAL A 201 -1.51 -8.41 16.56
C VAL A 201 -2.54 -7.87 15.58
N GLU A 202 -3.62 -8.64 15.42
CA GLU A 202 -4.77 -8.22 14.63
C GLU A 202 -5.97 -8.19 15.58
N TYR A 203 -6.59 -7.03 15.71
CA TYR A 203 -7.75 -6.93 16.57
C TYR A 203 -8.99 -7.45 15.82
N LYS A 204 -9.73 -8.37 16.44
CA LYS A 204 -10.89 -9.01 15.83
C LYS A 204 -12.01 -9.16 16.86
N MET A 205 -13.24 -9.23 16.37
CA MET A 205 -14.35 -9.41 17.29
C MET A 205 -14.34 -10.82 17.88
N LYS A 206 -14.56 -10.89 19.20
CA LYS A 206 -14.51 -12.15 19.94
C LYS A 206 -15.57 -12.11 21.03
N LYS A 207 -16.26 -13.24 21.22
CA LYS A 207 -17.20 -13.35 22.32
C LYS A 207 -16.46 -13.63 23.63
N SER A 208 -17.01 -13.13 24.73
CA SER A 208 -16.37 -13.24 26.02
C SER A 208 -17.44 -13.31 27.11
N PRO A 209 -17.19 -14.06 28.20
CA PRO A 209 -17.98 -13.85 29.40
C PRO A 209 -17.80 -12.43 29.92
N SER A 210 -18.83 -11.96 30.61
CA SER A 210 -18.83 -10.62 31.17
C SER A 210 -19.54 -10.75 32.51
N ILE A 211 -18.82 -10.57 33.61
CA ILE A 211 -19.37 -10.95 34.91
C ILE A 211 -19.18 -9.84 35.94
N PHE A 212 -20.12 -9.80 36.90
CA PHE A 212 -20.07 -8.88 38.02
C PHE A 212 -19.97 -9.70 39.29
N VAL A 213 -18.93 -9.43 40.10
CA VAL A 213 -18.47 -10.31 41.17
C VAL A 213 -18.32 -9.48 42.44
N ALA A 214 -18.91 -9.97 43.54
CA ALA A 214 -18.87 -9.28 44.80
C ALA A 214 -17.66 -9.74 45.61
N PHE A 215 -16.89 -8.77 46.11
CA PHE A 215 -15.76 -9.00 47.00
C PHE A 215 -16.18 -8.42 48.35
N GLY A 216 -16.43 -9.29 49.32
CA GLY A 216 -16.88 -8.81 50.62
C GLY A 216 -15.75 -8.15 51.40
N LEU A 217 -16.08 -7.02 52.04
CA LEU A 217 -15.11 -6.39 52.94
C LEU A 217 -14.84 -7.29 54.14
N LYS A 218 -13.58 -7.30 54.58
CA LYS A 218 -13.25 -8.10 55.75
C LYS A 218 -13.83 -7.47 57.01
N LYS A 219 -14.00 -8.32 58.03
CA LYS A 219 -14.67 -7.90 59.27
C LYS A 219 -14.07 -6.61 59.82
N GLU A 220 -12.74 -6.51 59.86
CA GLU A 220 -12.09 -5.32 60.41
C GLU A 220 -12.35 -4.08 59.57
N SER A 221 -12.52 -4.25 58.26
CA SER A 221 -12.84 -3.12 57.39
C SER A 221 -14.31 -2.69 57.56
N LEU A 222 -15.21 -3.65 57.76
CA LEU A 222 -16.60 -3.29 58.06
C LEU A 222 -16.69 -2.51 59.35
N GLU A 223 -15.88 -2.91 60.34
CA GLU A 223 -15.89 -2.20 61.61
C GLU A 223 -15.36 -0.78 61.45
N LYS A 224 -14.36 -0.60 60.58
CA LYS A 224 -13.82 0.74 60.36
C LYS A 224 -14.82 1.62 59.63
N LEU A 225 -15.53 1.05 58.67
CA LEU A 225 -16.51 1.78 57.88
C LEU A 225 -17.84 1.97 58.62
N LYS A 226 -18.07 1.20 59.69
CA LYS A 226 -19.26 1.30 60.54
C LYS A 226 -20.53 0.81 59.85
N VAL A 227 -20.41 -0.19 58.99
CA VAL A 227 -21.57 -0.85 58.40
C VAL A 227 -21.52 -2.34 58.69
N LYS A 228 -22.71 -2.96 58.61
CA LYS A 228 -22.88 -4.38 58.90
C LYS A 228 -22.50 -5.25 57.70
N LYS A 229 -22.81 -4.80 56.49
CA LYS A 229 -22.50 -5.53 55.27
C LYS A 229 -21.99 -4.54 54.21
N ALA A 230 -20.93 -4.95 53.51
CA ALA A 230 -20.48 -4.21 52.34
C ALA A 230 -19.62 -5.12 51.50
N SER A 231 -19.92 -5.18 50.21
CA SER A 231 -19.11 -5.89 49.22
C SER A 231 -18.93 -5.00 48.00
N LEU A 232 -17.68 -4.74 47.62
CA LEU A 232 -17.41 -4.08 46.36
C LEU A 232 -17.74 -5.02 45.20
N VAL A 233 -18.36 -4.47 44.17
CA VAL A 233 -18.68 -5.23 42.97
C VAL A 233 -17.73 -4.79 41.88
N ILE A 234 -17.07 -5.76 41.26
CA ILE A 234 -16.20 -5.50 40.12
C ILE A 234 -16.87 -6.08 38.88
N TRP A 235 -16.49 -5.53 37.74
CA TRP A 235 -16.86 -6.08 36.42
C TRP A 235 -15.60 -6.56 35.72
N THR A 236 -15.63 -7.78 35.19
CA THR A 236 -14.49 -8.27 34.41
C THR A 236 -14.97 -9.13 33.26
N THR A 237 -14.19 -9.09 32.17
CA THR A 237 -14.38 -10.06 31.10
C THR A 237 -13.33 -11.18 31.13
N THR A 238 -12.46 -11.22 32.13
CA THR A 238 -11.39 -12.21 32.21
C THR A 238 -11.41 -12.89 33.57
N PRO A 239 -12.41 -13.75 33.83
CA PRO A 239 -12.34 -14.59 35.04
C PRO A 239 -11.02 -15.31 35.21
N TRP A 240 -10.28 -15.57 34.11
CA TRP A 240 -9.01 -16.27 34.25
C TRP A 240 -7.93 -15.47 34.99
N THR A 241 -8.11 -14.15 35.19
CA THR A 241 -7.14 -13.36 35.95
C THR A 241 -7.57 -13.15 37.42
N LEU A 242 -8.75 -13.62 37.82
CA LEU A 242 -9.19 -13.39 39.20
C LEU A 242 -8.26 -14.04 40.23
N TYR A 243 -7.65 -15.18 39.86
CA TYR A 243 -6.70 -15.83 40.75
C TYR A 243 -5.55 -14.92 41.12
N ALA A 244 -5.24 -13.94 40.26
CA ALA A 244 -4.08 -13.05 40.41
C ALA A 244 -4.48 -11.67 40.94
N ASN A 245 -5.71 -11.54 41.43
CA ASN A 245 -6.15 -10.29 42.06
C ASN A 245 -5.31 -9.97 43.29
N VAL A 246 -4.96 -8.69 43.44
CA VAL A 246 -4.36 -8.23 44.70
C VAL A 246 -5.02 -6.96 45.21
N ALA A 247 -5.87 -6.35 44.37
CA ALA A 247 -6.47 -5.07 44.70
C ALA A 247 -7.78 -4.85 43.96
N ILE A 248 -8.55 -3.89 44.49
CA ILE A 248 -9.74 -3.35 43.85
C ILE A 248 -9.55 -1.84 43.76
N ALA A 249 -9.45 -1.32 42.54
CA ALA A 249 -9.08 0.07 42.29
C ALA A 249 -10.32 0.93 42.12
N LEU A 250 -10.41 2.01 42.89
CA LEU A 250 -11.51 2.95 42.82
C LEU A 250 -11.07 4.25 42.19
N LYS A 251 -12.07 5.01 41.72
CA LYS A 251 -11.79 6.37 41.26
C LYS A 251 -11.52 7.28 42.45
N LYS A 252 -10.48 8.10 42.35
CA LYS A 252 -10.13 9.03 43.41
C LYS A 252 -11.22 10.08 43.62
N ASP A 253 -11.46 10.42 44.88
CA ASP A 253 -12.35 11.52 45.27
C ASP A 253 -13.73 11.40 44.58
N ALA A 254 -14.31 10.20 44.66
CA ALA A 254 -15.58 9.93 44.01
C ALA A 254 -16.51 9.22 44.98
N VAL A 255 -17.82 9.43 44.79
CA VAL A 255 -18.81 8.93 45.74
C VAL A 255 -19.17 7.49 45.38
N TYR A 256 -19.16 6.63 46.38
CA TYR A 256 -19.57 5.23 46.22
C TYR A 256 -20.82 5.00 47.06
N ALA A 257 -21.80 4.34 46.46
CA ALA A 257 -23.10 4.11 47.08
C ALA A 257 -23.12 2.71 47.66
N LEU A 258 -23.65 2.60 48.87
CA LEU A 258 -23.87 1.31 49.53
C LEU A 258 -25.36 1.02 49.49
N THR A 259 -25.72 -0.14 48.94
CA THR A 259 -27.13 -0.50 48.82
C THR A 259 -27.63 -1.25 50.06
N GLN A 260 -28.95 -1.39 50.13
CA GLN A 260 -29.58 -2.04 51.28
C GLN A 260 -29.12 -3.48 51.43
N LYS A 261 -28.95 -4.20 50.31
CA LYS A 261 -28.45 -5.57 50.38
C LYS A 261 -26.96 -5.62 50.66
N GLY A 262 -26.27 -4.49 50.60
CA GLY A 262 -24.90 -4.41 51.01
C GLY A 262 -23.88 -4.41 49.91
N TYR A 263 -24.24 -3.93 48.71
CA TYR A 263 -23.29 -3.82 47.62
C TYR A 263 -22.79 -2.40 47.48
N LEU A 264 -21.49 -2.26 47.17
CA LEU A 264 -20.80 -0.98 47.13
C LEU A 264 -20.27 -0.75 45.70
N VAL A 265 -20.83 0.27 45.02
CA VAL A 265 -20.50 0.59 43.64
C VAL A 265 -20.42 2.10 43.52
N ALA A 266 -19.85 2.58 42.41
CA ALA A 266 -19.83 4.02 42.18
C ALA A 266 -21.25 4.54 42.04
N LYS A 267 -21.54 5.64 42.76
CA LYS A 267 -22.88 6.22 42.74
C LYS A 267 -23.31 6.57 41.31
N ALA A 268 -22.37 7.08 40.50
CA ALA A 268 -22.69 7.45 39.12
C ALA A 268 -23.12 6.25 38.27
N LEU A 269 -22.74 5.03 38.65
CA LEU A 269 -23.12 3.83 37.91
C LEU A 269 -24.25 3.06 38.57
N HIS A 270 -24.72 3.47 39.74
CA HIS A 270 -25.71 2.67 40.47
C HIS A 270 -26.99 2.49 39.66
N GLU A 271 -27.46 3.57 39.00
CA GLU A 271 -28.71 3.49 38.24
C GLU A 271 -28.62 2.44 37.14
N LYS A 272 -27.53 2.45 36.38
CA LYS A 272 -27.36 1.46 35.32
C LYS A 272 -27.26 0.04 35.88
N LEU A 273 -26.52 -0.11 36.99
CA LEU A 273 -26.31 -1.44 37.57
C LEU A 273 -27.57 -2.00 38.17
N ALA A 274 -28.41 -1.13 38.76
CA ALA A 274 -29.67 -1.62 39.31
C ALA A 274 -30.64 -2.02 38.20
N ALA A 275 -30.63 -1.27 37.10
CA ALA A 275 -31.47 -1.63 35.97
C ALA A 275 -31.04 -2.96 35.36
N LEU A 276 -29.73 -3.24 35.38
CA LEU A 276 -29.20 -4.53 34.94
C LEU A 276 -29.53 -5.66 35.92
N GLY A 277 -29.90 -5.32 37.14
CA GLY A 277 -30.07 -6.35 38.15
C GLY A 277 -28.81 -6.80 38.84
N VAL A 278 -27.70 -6.09 38.63
CA VAL A 278 -26.46 -6.39 39.35
C VAL A 278 -26.61 -6.10 40.83
N VAL A 279 -27.20 -4.95 41.17
CA VAL A 279 -27.40 -4.55 42.56
C VAL A 279 -28.85 -4.14 42.74
N ASP A 280 -29.24 -4.06 44.02
CA ASP A 280 -30.57 -3.64 44.40
C ASP A 280 -30.68 -2.11 44.31
N ASN A 281 -31.91 -1.61 44.38
CA ASN A 281 -32.18 -0.23 43.99
C ASN A 281 -31.99 0.78 45.12
N GLU A 282 -32.14 0.36 46.37
CA GLU A 282 -32.14 1.30 47.51
C GLU A 282 -30.71 1.57 47.97
N ILE A 283 -30.34 2.85 48.03
CA ILE A 283 -29.07 3.28 48.60
C ILE A 283 -29.29 3.70 50.05
N THR A 284 -28.43 3.20 50.95
CA THR A 284 -28.53 3.50 52.38
C THR A 284 -27.46 4.47 52.86
N HIS A 285 -26.28 4.41 52.26
CA HIS A 285 -25.13 5.21 52.66
C HIS A 285 -24.29 5.55 51.44
N GLU A 286 -23.65 6.70 51.47
CA GLU A 286 -22.68 7.11 50.47
C GLU A 286 -21.33 7.36 51.13
N PHE A 287 -20.24 7.01 50.43
CA PHE A 287 -18.91 7.19 50.98
C PHE A 287 -18.00 7.77 49.92
N ASN A 288 -16.98 8.50 50.37
CA ASN A 288 -15.96 9.00 49.45
C ASN A 288 -14.86 7.95 49.34
N SER A 289 -14.45 7.68 48.10
CA SER A 289 -13.43 6.66 47.87
C SER A 289 -12.17 6.94 48.66
N ASN A 290 -11.88 8.21 48.93
CA ASN A 290 -10.71 8.55 49.75
C ASN A 290 -10.78 7.91 51.13
N ASP A 291 -11.99 7.72 51.68
CA ASP A 291 -12.15 7.06 52.97
C ASP A 291 -12.20 5.54 52.86
N LEU A 292 -12.26 5.00 51.65
CA LEU A 292 -12.25 3.55 51.43
C LEU A 292 -10.86 3.00 51.16
N GLU A 293 -9.93 3.85 50.75
CA GLU A 293 -8.56 3.40 50.48
C GLU A 293 -7.99 2.70 51.70
N TYR A 294 -7.28 1.59 51.47
CA TYR A 294 -6.62 0.76 52.47
C TYR A 294 -7.58 -0.08 53.31
N LEU A 295 -8.89 -0.02 53.04
CA LEU A 295 -9.72 -1.11 53.48
C LEU A 295 -9.30 -2.38 52.73
N VAL A 296 -9.79 -3.53 53.21
CA VAL A 296 -9.39 -4.81 52.66
C VAL A 296 -10.62 -5.67 52.43
N ALA A 297 -10.70 -6.31 51.24
CA ALA A 297 -11.77 -7.23 50.91
C ALA A 297 -11.24 -8.66 50.76
N THR A 298 -12.17 -9.59 50.53
CA THR A 298 -11.85 -11.02 50.35
C THR A 298 -12.26 -11.49 48.95
N ASN A 299 -11.29 -12.09 48.25
CA ASN A 299 -11.52 -12.65 46.92
C ASN A 299 -12.40 -13.89 47.02
N PRO A 300 -13.61 -13.90 46.44
CA PRO A 300 -14.49 -15.07 46.58
C PRO A 300 -13.95 -16.33 45.94
N LEU A 301 -12.99 -16.22 45.01
CA LEU A 301 -12.49 -17.41 44.32
C LEU A 301 -11.51 -18.21 45.18
N ASN A 302 -10.70 -17.53 46.00
CA ASN A 302 -9.61 -18.20 46.70
C ASN A 302 -9.42 -17.70 48.12
N GLN A 303 -10.30 -16.83 48.62
CA GLN A 303 -10.29 -16.29 49.98
C GLN A 303 -9.12 -15.35 50.27
N ARG A 304 -8.39 -14.90 49.24
CA ARG A 304 -7.24 -14.06 49.52
C ARG A 304 -7.65 -12.61 49.76
N ASP A 305 -6.83 -11.91 50.55
CA ASP A 305 -7.01 -10.48 50.71
C ASP A 305 -6.96 -9.75 49.37
N SER A 306 -7.70 -8.65 49.29
CA SER A 306 -7.63 -7.73 48.17
C SER A 306 -7.64 -6.30 48.71
N LEU A 307 -6.62 -5.53 48.38
CA LEU A 307 -6.51 -4.18 48.94
C LEU A 307 -7.43 -3.21 48.19
N VAL A 308 -8.18 -2.39 48.94
CA VAL A 308 -8.94 -1.31 48.30
C VAL A 308 -7.99 -0.16 48.02
N ALA A 309 -7.78 0.13 46.73
CA ALA A 309 -6.79 1.10 46.28
C ALA A 309 -7.48 2.15 45.43
N LEU A 310 -6.75 3.23 45.17
CA LEU A 310 -7.21 4.30 44.31
C LEU A 310 -6.44 4.26 43.00
N GLY A 311 -7.16 4.05 41.91
CA GLY A 311 -6.52 3.99 40.60
C GLY A 311 -6.30 5.37 40.00
N GLU A 312 -5.49 5.39 38.95
CA GLU A 312 -5.38 6.58 38.11
C GLU A 312 -6.40 6.47 36.98
N HIS A 313 -7.24 7.49 36.86
CA HIS A 313 -8.19 7.60 35.75
C HIS A 313 -9.09 6.36 35.63
N VAL A 314 -9.68 5.97 36.76
CA VAL A 314 -10.69 4.90 36.72
C VAL A 314 -11.95 5.43 36.05
N GLY A 315 -12.47 4.68 35.08
CA GLY A 315 -13.60 5.13 34.31
C GLY A 315 -14.93 4.85 34.97
N LEU A 316 -15.94 5.66 34.59
CA LEU A 316 -17.32 5.50 35.07
C LEU A 316 -18.31 5.33 33.92
N GLU A 317 -17.85 5.02 32.71
CA GLU A 317 -18.75 4.74 31.60
C GLU A 317 -19.10 3.26 31.50
N ASP A 318 -18.18 2.40 31.94
CA ASP A 318 -18.29 0.96 31.92
C ASP A 318 -18.21 0.43 33.34
N GLY A 319 -18.70 -0.80 33.53
CA GLY A 319 -18.39 -1.50 34.76
C GLY A 319 -19.10 -0.92 35.97
N THR A 320 -18.39 -0.94 37.11
CA THR A 320 -18.95 -0.57 38.40
C THR A 320 -18.23 0.59 39.07
N GLY A 321 -17.12 1.07 38.52
CA GLY A 321 -16.22 1.97 39.23
C GLY A 321 -15.29 1.30 40.22
N ALA A 322 -15.26 -0.03 40.27
CA ALA A 322 -14.33 -0.76 41.11
C ALA A 322 -13.69 -1.83 40.23
N VAL A 323 -12.36 -1.76 40.11
CA VAL A 323 -11.64 -2.48 39.06
C VAL A 323 -10.79 -3.59 39.68
N HIS A 324 -11.10 -4.82 39.30
CA HIS A 324 -10.30 -5.97 39.70
C HIS A 324 -8.89 -5.82 39.13
N THR A 325 -7.90 -5.79 40.02
CA THR A 325 -6.53 -5.42 39.67
C THR A 325 -5.62 -6.64 39.76
N ALA A 326 -5.05 -7.04 38.62
CA ALA A 326 -4.17 -8.21 38.55
C ALA A 326 -2.86 -7.78 37.91
N PRO A 327 -1.88 -7.36 38.71
CA PRO A 327 -0.61 -6.86 38.15
C PRO A 327 0.10 -7.81 37.18
N GLY A 328 -0.06 -9.12 37.35
CA GLY A 328 0.63 -10.01 36.43
C GLY A 328 0.06 -10.06 35.01
N HIS A 329 -1.15 -9.49 34.79
CA HIS A 329 -1.85 -9.68 33.53
C HIS A 329 -2.42 -8.39 32.94
N GLY A 330 -2.00 -7.23 33.46
CA GLY A 330 -2.42 -5.96 32.90
C GLY A 330 -1.39 -4.89 33.17
N GLU A 331 -1.06 -4.07 32.16
CA GLU A 331 0.06 -3.14 32.34
C GLU A 331 -0.27 -2.06 33.37
N GLU A 332 -1.45 -1.43 33.25
CA GLU A 332 -1.81 -0.41 34.25
C GLU A 332 -1.99 -1.05 35.63
N ASP A 333 -2.57 -2.24 35.68
CA ASP A 333 -2.61 -3.00 36.93
C ASP A 333 -1.21 -3.17 37.54
N TYR A 334 -0.22 -3.53 36.70
CA TYR A 334 1.14 -3.74 37.19
C TYR A 334 1.68 -2.48 37.86
N TYR A 335 1.50 -1.31 37.23
CA TYR A 335 2.03 -0.11 37.83
C TYR A 335 1.33 0.22 39.14
N LEU A 336 0.01 -0.01 39.21
CA LEU A 336 -0.70 0.19 40.47
C LEU A 336 -0.15 -0.74 41.53
N GLY A 337 0.04 -2.01 41.19
CA GLY A 337 0.60 -2.95 42.16
C GLY A 337 1.91 -2.47 42.75
N LEU A 338 2.82 -1.99 41.89
CA LEU A 338 4.11 -1.52 42.40
C LEU A 338 3.92 -0.25 43.24
N ARG A 339 2.98 0.62 42.84
CA ARG A 339 2.70 1.85 43.59
C ARG A 339 2.37 1.55 45.04
N TYR A 340 1.63 0.45 45.28
CA TYR A 340 1.22 0.01 46.61
C TYR A 340 2.08 -1.13 47.16
N ASN A 341 3.19 -1.47 46.50
CA ASN A 341 4.11 -2.52 46.96
C ASN A 341 3.37 -3.85 47.18
N LEU A 342 2.49 -4.20 46.22
CA LEU A 342 1.71 -5.42 46.27
C LEU A 342 2.41 -6.54 45.47
N GLU A 343 1.98 -7.77 45.75
CA GLU A 343 2.49 -8.93 45.02
C GLU A 343 2.13 -8.84 43.53
N VAL A 344 3.07 -9.28 42.68
CA VAL A 344 2.78 -9.52 41.27
C VAL A 344 2.52 -11.01 41.16
N LEU A 345 1.25 -11.41 41.16
CA LEU A 345 0.90 -12.82 40.99
C LEU A 345 0.86 -13.14 39.49
N MET A 346 1.65 -14.13 39.06
CA MET A 346 1.67 -14.51 37.65
C MET A 346 2.02 -15.99 37.58
N SER A 347 0.99 -16.84 37.48
CA SER A 347 1.18 -18.28 37.49
C SER A 347 0.66 -18.91 36.20
N VAL A 348 0.82 -18.19 35.09
CA VAL A 348 0.41 -18.66 33.77
C VAL A 348 1.67 -18.81 32.92
N ASP A 349 1.89 -20.03 32.43
CA ASP A 349 3.14 -20.35 31.72
C ASP A 349 3.16 -19.81 30.29
N GLU A 350 4.23 -20.15 29.57
CA GLU A 350 4.41 -19.63 28.22
C GLU A 350 3.40 -20.22 27.24
N LYS A 351 2.78 -21.34 27.58
CA LYS A 351 1.73 -21.93 26.74
C LYS A 351 0.33 -21.53 27.16
N GLY A 352 0.20 -20.58 28.08
CA GLY A 352 -1.10 -20.09 28.49
C GLY A 352 -1.82 -20.94 29.51
N CYS A 353 -1.11 -21.85 30.20
CA CYS A 353 -1.69 -22.78 31.15
C CYS A 353 -1.26 -22.40 32.57
N TYR A 354 -2.16 -22.65 33.52
CA TYR A 354 -1.82 -22.44 34.92
C TYR A 354 -0.70 -23.39 35.35
N ASP A 355 0.29 -22.86 36.08
CA ASP A 355 1.42 -23.66 36.52
C ASP A 355 1.42 -23.82 38.04
N GLU A 356 2.48 -24.46 38.55
CA GLU A 356 2.57 -24.85 39.95
C GLU A 356 2.49 -23.65 40.90
N GLY A 357 2.61 -22.43 40.38
CA GLY A 357 2.47 -21.25 41.21
C GLY A 357 1.11 -21.11 41.88
N ILE A 358 0.06 -21.67 41.28
CA ILE A 358 -1.26 -21.56 41.91
C ILE A 358 -1.36 -22.41 43.17
N ILE A 359 -0.53 -23.46 43.28
CA ILE A 359 -0.50 -24.30 44.48
C ILE A 359 0.41 -23.68 45.53
N HIS A 360 1.65 -23.39 45.13
CA HIS A 360 2.64 -22.78 46.02
C HIS A 360 2.09 -21.55 46.72
N ASN A 361 1.34 -20.72 46.00
CA ASN A 361 0.82 -19.47 46.54
C ASN A 361 -0.66 -19.54 46.93
N GLN A 362 -1.29 -20.70 46.79
CA GLN A 362 -2.70 -20.91 47.19
C GLN A 362 -3.66 -19.94 46.49
N LEU A 363 -3.53 -19.85 45.16
CA LEU A 363 -4.29 -18.88 44.40
C LEU A 363 -5.49 -19.48 43.67
N LEU A 364 -5.46 -20.78 43.40
CA LEU A 364 -6.48 -21.44 42.62
C LEU A 364 -6.37 -22.93 42.91
N ASP A 365 -7.49 -23.63 42.86
CA ASP A 365 -7.51 -25.03 43.23
C ASP A 365 -6.58 -25.85 42.35
N GLU A 366 -6.01 -26.90 42.94
CA GLU A 366 -4.97 -27.68 42.25
C GLU A 366 -5.50 -28.37 41.00
N SER A 367 -6.81 -28.62 40.92
CA SER A 367 -7.38 -29.24 39.74
C SER A 367 -7.15 -28.42 38.47
N TYR A 368 -6.91 -27.11 38.61
CA TYR A 368 -6.63 -26.26 37.45
C TYR A 368 -5.21 -26.35 36.95
N LEU A 369 -4.32 -27.06 37.64
CA LEU A 369 -2.93 -27.17 37.19
C LEU A 369 -2.88 -27.70 35.76
N GLY A 370 -2.18 -26.96 34.90
CA GLY A 370 -2.02 -27.36 33.52
C GLY A 370 -3.15 -26.98 32.59
N GLU A 371 -4.25 -26.44 33.11
CA GLU A 371 -5.37 -26.02 32.27
C GLU A 371 -5.08 -24.70 31.57
N HIS A 372 -5.47 -24.64 30.30
CA HIS A 372 -5.37 -23.39 29.57
C HIS A 372 -6.33 -22.37 30.16
N VAL A 373 -5.87 -21.11 30.23
CA VAL A 373 -6.64 -20.10 30.95
C VAL A 373 -8.01 -19.89 30.32
N PHE A 374 -8.10 -19.96 28.98
CA PHE A 374 -9.41 -19.74 28.36
C PHE A 374 -10.35 -20.93 28.58
N LYS A 375 -9.80 -22.14 28.66
CA LYS A 375 -10.64 -23.30 28.90
C LYS A 375 -11.09 -23.38 30.36
N ALA A 376 -10.32 -22.79 31.27
CA ALA A 376 -10.65 -22.85 32.69
C ALA A 376 -11.81 -21.92 33.09
N GLN A 377 -12.18 -20.96 32.23
CA GLN A 377 -13.03 -19.87 32.70
C GLN A 377 -14.43 -20.32 33.07
N LYS A 378 -15.00 -21.27 32.33
CA LYS A 378 -16.34 -21.73 32.69
C LYS A 378 -16.36 -22.30 34.11
N ARG A 379 -15.39 -23.14 34.45
CA ARG A 379 -15.37 -23.76 35.77
C ARG A 379 -15.10 -22.71 36.85
N ILE A 380 -14.25 -21.72 36.55
CA ILE A 380 -14.03 -20.62 37.48
C ILE A 380 -15.33 -19.87 37.75
N ILE A 381 -16.09 -19.56 36.69
CA ILE A 381 -17.34 -18.82 36.87
C ILE A 381 -18.31 -19.63 37.74
N GLU A 382 -18.43 -20.93 37.50
CA GLU A 382 -19.31 -21.73 38.34
C GLU A 382 -18.86 -21.74 39.79
N GLN A 383 -17.55 -21.70 40.02
CA GLN A 383 -17.02 -21.75 41.39
C GLN A 383 -17.34 -20.50 42.20
N LEU A 384 -17.66 -19.38 41.53
CA LEU A 384 -17.91 -18.13 42.24
C LEU A 384 -19.18 -18.18 43.08
N GLY A 385 -20.12 -19.08 42.77
CA GLY A 385 -21.28 -19.25 43.62
C GLY A 385 -22.08 -17.97 43.78
N ASP A 386 -22.49 -17.69 45.02
CA ASP A 386 -23.31 -16.51 45.30
C ASP A 386 -22.59 -15.18 45.07
N SER A 387 -21.27 -15.18 44.93
CA SER A 387 -20.60 -13.92 44.66
C SER A 387 -20.76 -13.47 43.21
N LEU A 388 -21.19 -14.35 42.33
CA LEU A 388 -21.48 -13.97 40.96
C LEU A 388 -22.87 -13.32 40.92
N LEU A 389 -22.92 -12.00 40.73
CA LEU A 389 -24.20 -11.30 40.76
C LEU A 389 -24.91 -11.31 39.41
N LEU A 390 -24.14 -11.34 38.33
CA LEU A 390 -24.70 -11.36 37.00
C LEU A 390 -23.66 -11.87 36.01
N GLU A 391 -24.08 -12.74 35.11
CA GLU A 391 -23.23 -13.21 34.02
C GLU A 391 -23.89 -12.85 32.70
N GLN A 392 -23.13 -12.20 31.81
CA GLN A 392 -23.53 -11.95 30.44
C GLN A 392 -22.51 -12.57 29.49
N GLU A 393 -22.84 -12.56 28.21
CA GLU A 393 -21.88 -12.78 27.13
C GLU A 393 -21.84 -11.53 26.27
N ILE A 394 -20.64 -11.03 26.01
CA ILE A 394 -20.46 -9.83 25.19
C ILE A 394 -19.55 -10.16 24.02
N GLU A 395 -19.49 -9.22 23.09
CA GLU A 395 -18.56 -9.25 21.98
C GLU A 395 -17.70 -7.98 22.08
N HIS A 396 -16.39 -8.14 21.86
CA HIS A 396 -15.51 -6.99 21.91
C HIS A 396 -14.31 -7.23 21.00
N SER A 397 -13.68 -6.14 20.60
CA SER A 397 -12.50 -6.21 19.73
C SER A 397 -11.31 -6.64 20.59
N TYR A 398 -10.68 -7.76 20.21
CA TYR A 398 -9.69 -8.42 21.05
C TYR A 398 -8.44 -8.75 20.24
N PRO A 399 -7.24 -8.60 20.81
CA PRO A 399 -6.03 -8.82 20.01
C PRO A 399 -5.75 -10.29 19.77
N HIS A 400 -5.42 -10.61 18.51
CA HIS A 400 -5.09 -11.97 18.11
C HIS A 400 -3.70 -11.98 17.50
N CYS A 401 -3.04 -13.13 17.59
CA CYS A 401 -1.72 -13.27 16.99
C CYS A 401 -1.83 -13.18 15.47
N TRP A 402 -0.93 -12.41 14.84
CA TRP A 402 -1.06 -12.18 13.41
C TRP A 402 -0.85 -13.45 12.55
N ARG A 403 -0.13 -14.48 13.04
CA ARG A 403 0.08 -15.67 12.20
C ARG A 403 -0.52 -16.97 12.76
N THR A 404 -0.66 -17.11 14.08
CA THR A 404 -1.40 -18.26 14.57
C THR A 404 -2.90 -18.00 14.65
N HIS A 405 -3.31 -16.74 14.55
CA HIS A 405 -4.70 -16.28 14.62
C HIS A 405 -5.36 -16.64 15.95
N LYS A 406 -4.59 -17.06 16.94
CA LYS A 406 -5.22 -17.30 18.23
C LYS A 406 -5.20 -16.05 19.10
N PRO A 407 -6.14 -15.93 20.03
CA PRO A 407 -6.16 -14.75 20.90
C PRO A 407 -4.90 -14.71 21.75
N VAL A 408 -4.43 -13.50 22.02
CA VAL A 408 -3.27 -13.38 22.88
C VAL A 408 -3.74 -13.19 24.31
N ILE A 409 -2.82 -13.34 25.25
CA ILE A 409 -3.07 -12.97 26.63
C ILE A 409 -1.97 -11.99 27.03
N TYR A 410 -1.94 -11.59 28.29
CA TYR A 410 -0.85 -10.74 28.79
C TYR A 410 -0.20 -11.46 29.95
N ARG A 411 1.13 -11.41 30.00
CA ARG A 411 1.92 -12.06 31.02
C ARG A 411 3.03 -11.09 31.40
N ALA A 412 3.18 -10.84 32.70
CA ALA A 412 4.38 -10.15 33.16
C ALA A 412 5.61 -10.99 32.80
N THR A 413 6.58 -10.34 32.15
CA THR A 413 7.77 -11.00 31.67
C THR A 413 8.83 -9.93 31.46
N THR A 414 10.08 -10.37 31.42
CA THR A 414 11.21 -9.48 31.19
C THR A 414 11.61 -9.55 29.72
N GLN A 415 11.52 -8.41 29.04
CA GLN A 415 11.81 -8.33 27.62
C GLN A 415 12.66 -7.09 27.33
N TRP A 416 13.11 -7.00 26.08
CA TRP A 416 13.93 -5.90 25.63
C TRP A 416 13.08 -4.92 24.84
N PHE A 417 13.31 -3.62 25.09
CA PHE A 417 12.49 -2.57 24.51
C PHE A 417 13.34 -1.48 23.90
N ILE A 418 12.79 -0.84 22.86
CA ILE A 418 13.25 0.50 22.47
C ILE A 418 12.35 1.52 23.15
N LEU A 419 12.95 2.45 23.92
CA LEU A 419 12.20 3.38 24.75
C LEU A 419 11.82 4.61 23.93
N MET A 420 10.57 5.05 24.10
CA MET A 420 9.99 6.17 23.34
C MET A 420 10.13 7.51 24.04
N ASP A 421 10.21 7.51 25.38
CA ASP A 421 10.20 8.75 26.14
C ASP A 421 11.48 8.91 26.95
N GLU A 422 12.57 8.34 26.44
CA GLU A 422 13.88 8.41 27.09
C GLU A 422 14.76 9.38 26.31
N PRO A 423 15.14 10.52 26.90
CA PRO A 423 16.04 11.44 26.19
C PRO A 423 17.31 10.74 25.75
N PHE A 424 17.74 11.04 24.53
CA PHE A 424 19.02 10.54 24.04
C PHE A 424 19.73 11.65 23.27
N ILE A 425 21.05 11.48 23.18
CA ILE A 425 21.90 12.45 22.52
C ILE A 425 21.67 12.42 21.01
N GLN A 426 21.31 13.56 20.46
CA GLN A 426 21.08 13.70 19.04
C GLN A 426 22.42 13.82 18.31
N ASN A 427 22.38 13.54 17.00
CA ASN A 427 23.62 13.61 16.22
C ASN A 427 24.20 15.01 16.23
N ASP A 428 23.34 16.03 16.40
CA ASP A 428 23.82 17.41 16.46
C ASP A 428 24.18 17.86 17.86
N GLY A 429 24.13 16.97 18.84
CA GLY A 429 24.52 17.27 20.20
C GLY A 429 23.38 17.65 21.13
N SER A 430 22.18 17.88 20.60
CA SER A 430 21.07 18.24 21.45
C SER A 430 20.49 16.98 22.12
N GLN A 431 19.43 17.17 22.90
CA GLN A 431 18.84 16.11 23.70
C GLN A 431 17.33 16.05 23.47
N LYS A 432 16.83 14.89 23.01
CA LYS A 432 15.42 14.71 22.69
C LYS A 432 15.03 13.24 22.88
N THR A 433 13.73 13.02 23.05
CA THR A 433 13.23 11.65 23.11
C THR A 433 12.92 11.16 21.70
N LEU A 434 12.82 9.83 21.57
CA LEU A 434 12.51 9.26 20.26
C LEU A 434 11.13 9.68 19.79
N ARG A 435 10.16 9.76 20.72
CA ARG A 435 8.84 10.25 20.31
C ARG A 435 8.93 11.66 19.73
N GLU A 436 9.72 12.54 20.37
CA GLU A 436 9.87 13.91 19.87
C GLU A 436 10.53 13.93 18.51
N VAL A 437 11.57 13.10 18.34
CA VAL A 437 12.28 13.10 17.07
C VAL A 437 11.37 12.60 15.96
N ALA A 438 10.64 11.51 16.23
CA ALA A 438 9.76 10.93 15.21
C ALA A 438 8.66 11.91 14.81
N LEU A 439 8.06 12.60 15.79
CA LEU A 439 7.03 13.57 15.45
C LEU A 439 7.61 14.72 14.63
N ASP A 440 8.80 15.20 14.99
CA ASP A 440 9.43 16.25 14.18
C ASP A 440 9.73 15.73 12.78
N ALA A 441 10.20 14.48 12.69
CA ALA A 441 10.56 13.90 11.39
C ALA A 441 9.35 13.75 10.47
N ILE A 442 8.20 13.34 11.02
CA ILE A 442 7.00 13.16 10.22
C ILE A 442 6.64 14.45 9.50
N GLU A 443 6.84 15.59 10.17
CA GLU A 443 6.45 16.87 9.59
C GLU A 443 7.32 17.26 8.40
N LYS A 444 8.43 16.56 8.17
CA LYS A 444 9.28 16.82 7.03
C LYS A 444 9.02 15.87 5.87
N VAL A 445 8.10 14.91 6.02
CA VAL A 445 7.80 13.92 5.00
C VAL A 445 6.54 14.32 4.24
N GLU A 446 6.55 14.10 2.92
CA GLU A 446 5.36 14.31 2.10
C GLU A 446 4.56 13.01 2.07
N PHE A 447 3.26 13.10 2.39
CA PHE A 447 2.39 11.94 2.36
C PHE A 447 1.40 12.08 1.21
N VAL A 448 1.24 11.00 0.45
CA VAL A 448 0.30 10.95 -0.68
C VAL A 448 -0.59 9.73 -0.45
N PRO A 449 -1.87 9.91 -0.07
CA PRO A 449 -2.54 11.20 0.12
C PRO A 449 -2.11 11.85 1.42
N SER A 450 -2.32 13.16 1.54
CA SER A 450 -1.83 13.90 2.69
C SER A 450 -2.45 13.40 3.98
N SER A 451 -3.60 12.73 3.91
CA SER A 451 -4.27 12.21 5.08
C SER A 451 -3.44 11.17 5.79
N GLY A 452 -2.53 10.49 5.07
CA GLY A 452 -1.71 9.46 5.67
C GLY A 452 -0.77 9.98 6.75
N LYS A 453 -0.43 11.27 6.69
CA LYS A 453 0.36 11.86 7.77
C LYS A 453 -0.35 11.69 9.10
N ASN A 454 -1.62 12.08 9.16
CA ASN A 454 -2.41 11.98 10.39
C ASN A 454 -2.43 10.56 10.94
N ARG A 455 -2.47 9.56 10.06
CA ARG A 455 -2.51 8.18 10.56
C ARG A 455 -1.22 7.83 11.26
N LEU A 456 -0.08 8.13 10.62
CA LEU A 456 1.19 7.77 11.25
C LEU A 456 1.46 8.64 12.48
N LYS A 457 1.14 9.93 12.40
CA LYS A 457 1.39 10.84 13.51
C LYS A 457 0.61 10.43 14.76
N THR A 458 -0.68 10.12 14.60
CA THR A 458 -1.47 9.66 15.74
C THR A 458 -0.89 8.38 16.34
N MET A 459 -0.38 7.48 15.49
CA MET A 459 0.23 6.26 16.02
C MET A 459 1.49 6.59 16.84
N ILE A 460 2.33 7.50 16.34
CA ILE A 460 3.54 7.85 17.09
C ILE A 460 3.19 8.60 18.37
N GLU A 461 2.15 9.45 18.34
CA GLU A 461 1.74 10.15 19.56
C GLU A 461 1.35 9.18 20.66
N ASN A 462 0.70 8.08 20.29
CA ASN A 462 0.07 7.20 21.27
C ASN A 462 0.84 5.92 21.55
N ARG A 463 1.95 5.64 20.83
CA ARG A 463 2.51 4.30 20.93
C ARG A 463 3.31 4.11 22.22
N PRO A 464 3.39 2.85 22.71
CA PRO A 464 4.21 2.57 23.89
C PRO A 464 5.64 2.24 23.53
N ASP A 465 6.47 1.91 24.52
CA ASP A 465 7.79 1.35 24.25
C ASP A 465 7.66 0.12 23.34
N TRP A 466 8.65 -0.08 22.48
CA TRP A 466 8.57 -1.13 21.44
C TRP A 466 9.28 -2.39 21.94
N CYS A 467 8.50 -3.43 22.26
CA CYS A 467 9.09 -4.70 22.67
C CYS A 467 9.77 -5.39 21.47
N LEU A 468 11.10 -5.61 21.56
CA LEU A 468 11.89 -6.14 20.44
C LEU A 468 12.13 -7.65 20.51
N SER A 469 12.04 -8.26 21.69
CA SER A 469 12.58 -9.60 21.88
C SER A 469 11.49 -10.65 21.68
N ARG A 470 11.82 -11.69 20.90
CA ARG A 470 10.91 -12.78 20.55
C ARG A 470 11.56 -14.11 20.88
N GLN A 471 10.72 -15.10 21.22
CA GLN A 471 11.21 -16.39 21.73
C GLN A 471 11.14 -17.49 20.68
N ARG A 472 11.31 -17.14 19.41
CA ARG A 472 11.45 -18.07 18.30
C ARG A 472 12.90 -18.06 17.84
N LYS A 473 13.20 -18.91 16.86
CA LYS A 473 14.56 -19.11 16.40
C LYS A 473 14.87 -18.51 15.04
N TRP A 474 13.86 -18.26 14.18
CA TRP A 474 14.11 -17.78 12.81
C TRP A 474 14.08 -16.26 12.78
N GLY A 475 15.26 -15.67 12.94
CA GLY A 475 15.44 -14.24 13.00
C GLY A 475 16.86 -13.93 13.40
N VAL A 476 17.12 -12.64 13.55
CA VAL A 476 18.42 -12.15 13.98
C VAL A 476 18.43 -12.09 15.51
N PRO A 477 19.37 -12.76 16.18
CA PRO A 477 19.39 -12.71 17.65
C PRO A 477 19.76 -11.34 18.16
N LEU A 478 19.22 -10.99 19.35
CA LEU A 478 19.72 -9.85 20.12
C LEU A 478 21.03 -10.29 20.74
N ALA A 479 22.10 -10.22 19.94
CA ALA A 479 23.30 -10.99 20.19
C ALA A 479 24.26 -10.22 21.11
N PHE A 480 23.82 -10.05 22.35
CA PHE A 480 24.64 -9.49 23.42
C PHE A 480 24.84 -10.52 24.52
N PHE A 481 25.94 -10.35 25.24
CA PHE A 481 26.21 -11.13 26.44
C PHE A 481 25.79 -10.33 27.66
N ILE A 482 25.31 -11.04 28.66
CA ILE A 482 25.09 -10.49 30.00
C ILE A 482 26.31 -10.82 30.84
N ASP A 483 26.83 -9.82 31.52
CA ASP A 483 27.90 -10.07 32.48
C ASP A 483 27.27 -10.57 33.77
N LYS A 484 27.58 -11.82 34.15
CA LYS A 484 27.03 -12.34 35.39
C LYS A 484 27.53 -11.56 36.60
N ARG A 485 28.77 -11.05 36.52
CA ARG A 485 29.32 -10.23 37.61
C ARG A 485 28.50 -8.98 37.85
N THR A 486 27.86 -8.43 36.79
CA THR A 486 27.06 -7.21 36.90
C THR A 486 25.57 -7.40 36.66
N ASN A 487 25.17 -8.48 36.00
CA ASN A 487 23.79 -8.70 35.54
C ASN A 487 23.33 -7.66 34.53
N LYS A 488 24.26 -7.03 33.83
CA LYS A 488 23.93 -6.04 32.81
C LYS A 488 24.54 -6.45 31.49
N PRO A 489 23.98 -5.99 30.36
CA PRO A 489 24.51 -6.39 29.06
C PRO A 489 25.86 -5.75 28.79
N CYS A 490 26.66 -6.45 27.99
CA CYS A 490 27.95 -5.94 27.54
C CYS A 490 27.75 -5.21 26.22
N PHE A 491 27.97 -3.89 26.23
CA PHE A 491 27.89 -3.07 25.03
C PHE A 491 29.25 -2.50 24.64
N GLU A 492 30.33 -3.19 25.03
CA GLU A 492 31.67 -2.80 24.62
C GLU A 492 31.83 -2.98 23.11
N SER A 493 32.32 -1.92 22.45
CA SER A 493 32.34 -1.91 20.99
C SER A 493 33.18 -3.05 20.42
N GLU A 494 34.27 -3.42 21.09
CA GLU A 494 35.12 -4.53 20.58
C GLU A 494 34.33 -5.84 20.56
N VAL A 495 33.47 -6.05 21.55
CA VAL A 495 32.66 -7.26 21.59
C VAL A 495 31.57 -7.22 20.51
N LEU A 496 30.87 -6.09 20.42
CA LEU A 496 29.78 -5.96 19.46
C LEU A 496 30.29 -6.01 18.02
N GLU A 497 31.44 -5.39 17.75
CA GLU A 497 32.00 -5.41 16.41
C GLU A 497 32.50 -6.82 16.05
N HIS A 498 33.03 -7.54 17.02
CA HIS A 498 33.49 -8.91 16.77
C HIS A 498 32.33 -9.78 16.31
N VAL A 499 31.22 -9.71 17.04
CA VAL A 499 30.04 -10.49 16.69
C VAL A 499 29.48 -10.05 15.34
N ALA A 500 29.38 -8.74 15.11
CA ALA A 500 28.85 -8.26 13.83
C ALA A 500 29.67 -8.79 12.65
N ASN A 501 30.99 -8.83 12.80
CA ASN A 501 31.83 -9.31 11.70
C ASN A 501 31.64 -10.80 11.46
N LEU A 502 31.43 -11.56 12.54
CA LEU A 502 31.14 -12.99 12.40
C LEU A 502 29.82 -13.21 11.67
N PHE A 503 28.78 -12.44 12.01
CA PHE A 503 27.51 -12.55 11.29
C PHE A 503 27.68 -12.20 9.82
N GLU A 504 28.47 -11.18 9.52
CA GLU A 504 28.60 -10.77 8.12
C GLU A 504 29.22 -11.88 7.28
N LYS A 505 30.16 -12.62 7.86
CA LYS A 505 30.86 -13.68 7.13
C LYS A 505 30.14 -15.02 7.19
N LYS A 506 29.51 -15.36 8.33
CA LYS A 506 28.95 -16.69 8.55
C LYS A 506 27.43 -16.72 8.75
N GLY A 507 26.80 -15.57 8.93
CA GLY A 507 25.40 -15.56 9.30
C GLY A 507 25.19 -15.88 10.77
N CYS A 508 23.93 -15.74 11.19
CA CYS A 508 23.62 -15.81 12.62
C CYS A 508 23.54 -17.23 13.17
N ASP A 509 23.68 -18.26 12.34
CA ASP A 509 23.69 -19.63 12.87
C ASP A 509 24.74 -19.78 13.97
N VAL A 510 25.85 -19.02 13.87
CA VAL A 510 26.95 -19.19 14.82
C VAL A 510 26.53 -18.83 16.24
N TRP A 511 25.53 -17.95 16.40
CA TRP A 511 25.09 -17.57 17.74
C TRP A 511 24.56 -18.76 18.51
N TRP A 512 23.92 -19.72 17.82
CA TRP A 512 23.47 -20.94 18.47
C TRP A 512 24.58 -21.97 18.57
N GLU A 513 25.46 -22.04 17.56
CA GLU A 513 26.41 -23.14 17.48
C GLU A 513 27.66 -22.90 18.32
N TYR A 514 28.17 -21.67 18.35
CA TYR A 514 29.46 -21.40 18.95
C TYR A 514 29.36 -21.29 20.46
N SER A 515 30.46 -21.58 21.14
CA SER A 515 30.52 -21.31 22.57
C SER A 515 30.69 -19.81 22.82
N VAL A 516 30.42 -19.41 24.07
CA VAL A 516 30.61 -18.01 24.45
C VAL A 516 32.03 -17.56 24.15
N LYS A 517 33.03 -18.37 24.52
CA LYS A 517 34.41 -17.98 24.27
C LYS A 517 34.70 -17.81 22.78
N ASP A 518 34.18 -18.71 21.95
CA ASP A 518 34.41 -18.61 20.50
C ASP A 518 33.65 -17.47 19.85
N LEU A 519 32.69 -16.87 20.54
CA LEU A 519 31.99 -15.68 20.05
C LEU A 519 32.60 -14.39 20.60
N LEU A 520 33.62 -14.50 21.45
CA LEU A 520 34.26 -13.35 22.08
C LEU A 520 35.59 -13.04 21.40
N PRO A 521 35.98 -11.77 21.39
CA PRO A 521 37.32 -11.43 20.91
C PRO A 521 38.37 -12.08 21.79
N PRO A 522 39.55 -12.35 21.24
CA PRO A 522 40.62 -12.96 22.06
C PRO A 522 40.90 -12.23 23.35
N SER A 523 40.71 -10.91 23.36
CA SER A 523 40.91 -10.11 24.57
C SER A 523 40.03 -10.57 25.72
N TYR A 524 38.85 -11.10 25.42
CA TYR A 524 37.85 -11.40 26.45
C TYR A 524 37.76 -12.87 26.81
N GLN A 525 38.43 -13.75 26.07
CA GLN A 525 38.13 -15.17 26.19
C GLN A 525 38.50 -15.74 27.55
N GLU A 526 39.47 -15.12 28.25
CA GLU A 526 39.80 -15.58 29.60
C GLU A 526 38.67 -15.30 30.59
N ASP A 527 37.81 -14.32 30.30
CA ASP A 527 36.66 -14.04 31.15
C ASP A 527 35.36 -14.58 30.57
N ALA A 528 35.44 -15.51 29.62
CA ALA A 528 34.26 -16.07 28.99
C ALA A 528 33.31 -16.73 29.98
N LYS A 529 33.82 -17.18 31.12
CA LYS A 529 32.99 -17.83 32.12
C LYS A 529 31.99 -16.87 32.76
N HIS A 530 32.20 -15.57 32.64
CA HIS A 530 31.34 -14.58 33.29
C HIS A 530 30.20 -14.10 32.39
N TYR A 531 30.16 -14.54 31.14
CA TYR A 531 29.21 -14.03 30.16
C TYR A 531 28.24 -15.12 29.74
N GLU A 532 26.98 -14.75 29.58
CA GLU A 532 25.98 -15.63 29.01
C GLU A 532 25.21 -14.92 27.90
N LYS A 533 24.80 -15.70 26.91
CA LYS A 533 24.14 -15.16 25.74
C LYS A 533 22.68 -14.83 26.00
N ILE A 534 22.25 -13.69 25.48
CA ILE A 534 20.83 -13.47 25.22
C ILE A 534 20.47 -14.27 23.97
N MET A 535 19.41 -15.08 24.05
CA MET A 535 19.01 -15.93 22.93
C MET A 535 17.74 -15.46 22.24
N HIS A 536 17.10 -14.39 22.73
CA HIS A 536 15.96 -13.83 22.02
C HIS A 536 16.36 -13.35 20.63
N ILE A 537 15.40 -13.38 19.72
CA ILE A 537 15.60 -12.82 18.38
C ILE A 537 14.78 -11.55 18.24
N LEU A 538 15.14 -10.77 17.22
CA LEU A 538 14.51 -9.48 17.00
C LEU A 538 13.16 -9.63 16.32
N ASP A 539 12.21 -8.79 16.75
CA ASP A 539 10.99 -8.51 16.00
C ASP A 539 11.30 -8.38 14.51
N VAL A 540 10.55 -9.11 13.67
CA VAL A 540 10.79 -9.03 12.22
C VAL A 540 10.47 -7.62 11.71
N TRP A 541 9.65 -6.86 12.45
CA TRP A 541 9.43 -5.46 12.08
C TRP A 541 10.67 -4.60 12.33
N PHE A 542 11.57 -5.05 13.20
CA PHE A 542 12.88 -4.40 13.28
C PHE A 542 13.77 -4.78 12.09
N ASP A 543 13.76 -6.07 11.67
CA ASP A 543 14.40 -6.44 10.39
C ASP A 543 14.02 -5.46 9.27
N SER A 544 12.71 -5.32 9.01
CA SER A 544 12.31 -4.53 7.86
C SER A 544 12.47 -3.04 8.12
N GLY A 545 12.26 -2.59 9.36
CA GLY A 545 12.56 -1.20 9.66
C GLY A 545 14.01 -0.82 9.40
N SER A 546 14.92 -1.82 9.36
CA SER A 546 16.34 -1.56 9.13
C SER A 546 16.74 -1.62 7.65
N THR A 547 15.79 -1.86 6.73
CA THR A 547 16.21 -2.00 5.32
C THR A 547 16.90 -0.75 4.78
N PHE A 548 16.52 0.47 5.25
CA PHE A 548 17.21 1.64 4.71
C PHE A 548 18.69 1.58 5.03
N LYS A 549 19.02 1.03 6.21
CA LYS A 549 20.42 0.95 6.61
C LYS A 549 21.13 -0.16 5.83
N ALA A 550 20.51 -1.33 5.77
CA ALA A 550 21.14 -2.47 5.13
C ALA A 550 21.27 -2.32 3.63
N VAL A 551 20.36 -1.57 2.99
CA VAL A 551 20.29 -1.46 1.52
C VAL A 551 20.82 -0.12 1.03
N LEU A 552 20.25 0.98 1.52
CA LEU A 552 20.63 2.30 1.04
C LEU A 552 21.97 2.75 1.64
N GLU A 553 22.16 2.56 2.95
CA GLU A 553 23.36 3.11 3.58
C GLU A 553 24.56 2.18 3.42
N ASP A 554 24.39 0.87 3.71
CA ASP A 554 25.53 -0.04 3.69
C ASP A 554 26.08 -0.32 2.29
N TYR A 555 25.36 0.05 1.23
CA TYR A 555 25.90 -0.03 -0.11
C TYR A 555 26.27 1.35 -0.66
N HIS A 556 26.28 2.39 0.19
CA HIS A 556 26.88 3.69 -0.11
C HIS A 556 26.32 4.32 -1.38
N GLY A 557 25.01 4.19 -1.57
CA GLY A 557 24.35 4.79 -2.71
C GLY A 557 24.21 3.91 -3.94
N GLU A 558 24.90 2.76 -3.98
CA GLU A 558 24.87 1.93 -5.19
C GLU A 558 23.48 1.36 -5.47
N LYS A 559 22.66 1.21 -4.43
CA LYS A 559 21.28 0.76 -4.59
C LYS A 559 20.28 1.85 -4.25
N GLY A 560 20.71 3.11 -4.26
CA GLY A 560 19.82 4.20 -3.89
C GLY A 560 20.28 5.01 -2.69
N GLN A 561 19.80 6.25 -2.61
CA GLN A 561 20.19 7.15 -1.52
C GLN A 561 19.29 6.97 -0.30
N SER A 562 19.86 7.33 0.85
CA SER A 562 19.16 7.46 2.12
C SER A 562 19.21 8.94 2.51
N PRO A 563 18.05 9.61 2.72
CA PRO A 563 16.73 9.00 2.58
C PRO A 563 16.32 8.73 1.12
N SER A 564 15.42 7.77 0.95
CA SER A 564 14.87 7.48 -0.37
C SER A 564 13.97 8.64 -0.82
N ASP A 565 13.77 8.73 -2.15
CA ASP A 565 12.84 9.72 -2.67
C ASP A 565 11.39 9.30 -2.44
N VAL A 566 11.08 8.01 -2.61
CA VAL A 566 9.72 7.51 -2.50
C VAL A 566 9.76 6.14 -1.85
N ILE A 567 8.80 5.88 -0.96
CA ILE A 567 8.37 4.52 -0.66
C ILE A 567 6.88 4.46 -0.91
N LEU A 568 6.39 3.26 -1.22
CA LEU A 568 5.02 3.09 -1.71
C LEU A 568 4.53 1.72 -1.25
N GLU A 569 3.56 1.72 -0.33
CA GLU A 569 3.06 0.49 0.22
C GLU A 569 1.59 0.64 0.61
N GLY A 570 1.00 -0.49 1.01
CA GLY A 570 -0.40 -0.51 1.39
C GLY A 570 -0.66 0.17 2.71
N SER A 571 -1.95 0.45 2.95
CA SER A 571 -2.33 1.23 4.13
C SER A 571 -2.02 0.54 5.45
N ASP A 572 -1.83 -0.79 5.46
CA ASP A 572 -1.47 -1.42 6.72
C ASP A 572 -0.04 -1.11 7.16
N GLN A 573 0.76 -0.44 6.31
CA GLN A 573 2.15 -0.20 6.68
C GLN A 573 2.34 1.04 7.57
N HIS A 574 1.29 1.81 7.84
CA HIS A 574 1.44 2.81 8.90
C HIS A 574 1.64 2.14 10.26
N ARG A 575 0.88 1.06 10.52
CA ARG A 575 1.12 0.21 11.67
C ARG A 575 2.43 -0.57 11.54
N GLY A 576 2.87 -0.81 10.32
CA GLY A 576 4.00 -1.68 10.04
C GLY A 576 5.27 -0.95 9.64
N TRP A 577 5.66 -1.15 8.36
CA TRP A 577 6.99 -0.83 7.89
C TRP A 577 7.29 0.67 7.91
N PHE A 578 6.29 1.51 7.62
CA PHE A 578 6.51 2.95 7.67
C PHE A 578 6.95 3.37 9.07
N GLN A 579 6.31 2.80 10.08
CA GLN A 579 6.56 3.16 11.47
C GLN A 579 7.88 2.57 11.99
N SER A 580 8.13 1.27 11.72
CA SER A 580 9.41 0.71 12.17
C SER A 580 10.58 1.40 11.48
N SER A 581 10.46 1.69 10.18
CA SER A 581 11.53 2.39 9.47
C SER A 581 11.68 3.83 9.98
N LEU A 582 10.56 4.49 10.31
CA LEU A 582 10.63 5.84 10.86
C LEU A 582 11.38 5.84 12.19
N LEU A 583 11.04 4.88 13.07
CA LEU A 583 11.64 4.88 14.40
C LEU A 583 13.12 4.58 14.33
N ILE A 584 13.52 3.56 13.58
CA ILE A 584 14.94 3.22 13.48
C ILE A 584 15.72 4.33 12.79
N GLY A 585 15.16 4.88 11.70
CA GLY A 585 15.78 6.05 11.08
C GLY A 585 15.96 7.23 12.04
N CYS A 586 14.97 7.46 12.91
CA CYS A 586 15.12 8.56 13.86
C CYS A 586 16.17 8.28 14.93
N VAL A 587 16.41 7.01 15.28
CA VAL A 587 17.49 6.73 16.23
C VAL A 587 18.84 6.96 15.54
N LEU A 588 19.00 6.41 14.34
CA LEU A 588 20.32 6.43 13.71
C LEU A 588 20.63 7.80 13.11
N ASN A 589 19.66 8.38 12.38
CA ASN A 589 19.87 9.60 11.63
C ASN A 589 19.07 10.81 12.14
N ASN A 590 18.19 10.61 13.11
CA ASN A 590 17.34 11.68 13.67
C ASN A 590 16.42 12.24 12.58
N GLN A 591 16.12 11.40 11.59
CA GLN A 591 15.12 11.77 10.57
C GLN A 591 14.54 10.51 9.94
N ALA A 592 13.43 10.70 9.21
CA ALA A 592 12.87 9.61 8.47
C ALA A 592 13.82 9.20 7.34
N PRO A 593 13.90 7.90 7.05
CA PRO A 593 14.71 7.41 5.95
C PRO A 593 14.05 7.48 4.58
N PHE A 594 12.95 8.22 4.48
CA PHE A 594 12.21 8.44 3.24
C PHE A 594 11.75 9.89 3.21
N LYS A 595 11.68 10.45 1.98
CA LYS A 595 11.20 11.82 1.81
C LYS A 595 9.69 11.87 1.55
N LYS A 596 9.12 10.80 1.00
CA LYS A 596 7.74 10.76 0.54
C LYS A 596 7.19 9.35 0.74
N VAL A 597 5.94 9.28 1.18
CA VAL A 597 5.22 8.02 1.40
C VAL A 597 3.96 8.08 0.56
N ILE A 598 3.86 7.18 -0.42
CA ILE A 598 2.63 6.96 -1.19
C ILE A 598 1.95 5.73 -0.62
N THR A 599 0.68 5.86 -0.23
CA THR A 599 -0.05 4.72 0.34
CA THR A 599 -0.08 4.76 0.38
C THR A 599 -1.17 4.32 -0.59
N HIS A 600 -1.33 3.01 -0.79
CA HIS A 600 -2.45 2.52 -1.54
C HIS A 600 -3.40 1.70 -0.67
N GLY A 601 -4.65 1.61 -1.15
CA GLY A 601 -5.67 0.81 -0.49
C GLY A 601 -5.45 -0.67 -0.72
N PHE A 602 -6.39 -1.47 -0.18
CA PHE A 602 -6.33 -2.91 -0.31
C PHE A 602 -7.24 -3.38 -1.43
N ILE A 603 -6.81 -4.46 -2.07
CA ILE A 603 -7.71 -5.23 -2.93
C ILE A 603 -8.79 -5.86 -2.05
N VAL A 604 -10.06 -5.65 -2.43
CA VAL A 604 -11.20 -6.21 -1.73
C VAL A 604 -12.17 -6.76 -2.78
N ASP A 605 -13.19 -7.51 -2.33
CA ASP A 605 -14.07 -8.14 -3.30
C ASP A 605 -15.07 -7.12 -3.83
N GLU A 606 -16.02 -7.57 -4.65
CA GLU A 606 -17.00 -6.70 -5.28
C GLU A 606 -17.96 -6.05 -4.27
N LYS A 607 -17.95 -6.51 -3.02
CA LYS A 607 -18.77 -5.93 -1.97
C LYS A 607 -17.96 -5.09 -0.99
N GLY A 608 -16.67 -4.89 -1.27
CA GLY A 608 -15.81 -4.15 -0.37
C GLY A 608 -15.20 -4.96 0.73
N GLU A 609 -15.42 -6.27 0.77
CA GLU A 609 -14.93 -7.11 1.86
C GLU A 609 -13.57 -7.72 1.56
N LYS A 610 -12.82 -8.01 2.63
CA LYS A 610 -11.52 -8.66 2.49
C LYS A 610 -11.68 -10.04 1.86
N MET A 611 -10.69 -10.41 1.05
CA MET A 611 -10.66 -11.71 0.41
C MET A 611 -9.93 -12.72 1.30
N SER A 612 -10.43 -13.95 1.33
CA SER A 612 -9.73 -15.01 2.05
C SER A 612 -10.15 -16.35 1.48
N LYS A 613 -9.20 -17.29 1.44
CA LYS A 613 -9.52 -18.65 1.02
C LYS A 613 -10.65 -19.23 1.85
N SER A 614 -10.75 -18.82 3.12
CA SER A 614 -11.84 -19.28 3.96
C SER A 614 -13.21 -18.88 3.39
N LYS A 615 -13.33 -17.63 2.95
CA LYS A 615 -14.62 -17.09 2.55
C LYS A 615 -15.01 -17.45 1.11
N GLY A 616 -14.06 -17.90 0.29
CA GLY A 616 -14.39 -18.31 -1.07
C GLY A 616 -14.52 -17.19 -2.06
N ASN A 617 -13.98 -16.00 -1.75
CA ASN A 617 -14.12 -14.82 -2.58
C ASN A 617 -12.80 -14.35 -3.18
N VAL A 618 -11.78 -15.20 -3.19
CA VAL A 618 -10.46 -14.78 -3.65
C VAL A 618 -10.41 -14.85 -5.17
N VAL A 619 -10.06 -13.72 -5.79
CA VAL A 619 -9.85 -13.65 -7.23
C VAL A 619 -8.38 -13.92 -7.53
N SER A 620 -8.12 -14.87 -8.42
CA SER A 620 -6.77 -15.35 -8.66
C SER A 620 -6.01 -14.37 -9.54
N LEU A 621 -4.81 -13.98 -9.11
CA LEU A 621 -3.96 -13.17 -9.97
C LEU A 621 -3.64 -13.90 -11.27
N ASP A 622 -3.30 -15.19 -11.18
CA ASP A 622 -2.98 -15.94 -12.40
C ASP A 622 -4.18 -16.00 -13.33
N LYS A 623 -5.37 -16.22 -12.77
CA LYS A 623 -6.57 -16.26 -13.60
C LYS A 623 -6.88 -14.89 -14.18
N LEU A 624 -6.65 -13.83 -13.40
CA LEU A 624 -6.86 -12.48 -13.89
C LEU A 624 -5.93 -12.17 -15.05
N LEU A 625 -4.64 -12.52 -14.91
CA LEU A 625 -3.68 -12.29 -15.98
C LEU A 625 -4.04 -13.09 -17.23
N LYS A 626 -4.38 -14.37 -17.05
CA LYS A 626 -4.73 -15.20 -18.20
C LYS A 626 -5.94 -14.66 -18.94
N THR A 627 -6.90 -14.09 -18.21
CA THR A 627 -8.15 -13.65 -18.83
C THR A 627 -8.00 -12.32 -19.56
N HIS A 628 -7.27 -11.38 -18.96
CA HIS A 628 -7.20 -10.01 -19.46
C HIS A 628 -5.84 -9.60 -19.98
N GLY A 629 -4.76 -10.26 -19.57
CA GLY A 629 -3.44 -9.78 -19.93
C GLY A 629 -2.91 -8.78 -18.92
N SER A 630 -1.57 -8.72 -18.82
CA SER A 630 -1.02 -7.83 -17.80
C SER A 630 -1.17 -6.34 -18.17
N ASP A 631 -1.18 -5.98 -19.46
CA ASP A 631 -1.34 -4.56 -19.73
C ASP A 631 -2.74 -4.08 -19.36
N VAL A 632 -3.74 -4.98 -19.40
CA VAL A 632 -5.07 -4.58 -18.95
C VAL A 632 -5.11 -4.48 -17.43
N VAL A 633 -4.51 -5.44 -16.72
CA VAL A 633 -4.42 -5.34 -15.27
C VAL A 633 -3.67 -4.08 -14.85
N ARG A 634 -2.59 -3.75 -15.55
CA ARG A 634 -1.86 -2.52 -15.26
C ARG A 634 -2.70 -1.28 -15.55
N LEU A 635 -3.46 -1.29 -16.65
CA LEU A 635 -4.33 -0.14 -16.92
C LEU A 635 -5.43 -0.04 -15.86
N TRP A 636 -5.93 -1.18 -15.37
CA TRP A 636 -6.96 -1.14 -14.34
C TRP A 636 -6.41 -0.47 -13.08
N VAL A 637 -5.17 -0.78 -12.73
CA VAL A 637 -4.54 -0.13 -11.57
C VAL A 637 -4.48 1.38 -11.78
N ALA A 638 -3.91 1.81 -12.91
CA ALA A 638 -3.68 3.23 -13.14
C ALA A 638 -4.97 4.02 -13.34
N PHE A 639 -5.99 3.41 -13.92
CA PHE A 639 -7.24 4.09 -14.23
C PHE A 639 -8.24 4.07 -13.08
N ASN A 640 -7.81 3.72 -11.87
CA ASN A 640 -8.71 3.62 -10.73
C ASN A 640 -8.10 4.29 -9.51
N ASP A 641 -8.95 4.53 -8.51
CA ASP A 641 -8.61 5.30 -7.31
C ASP A 641 -7.87 4.39 -6.33
N TYR A 642 -6.57 4.17 -6.62
CA TYR A 642 -5.78 3.19 -5.88
C TYR A 642 -5.44 3.64 -4.46
N GLN A 643 -5.67 4.91 -4.11
CA GLN A 643 -5.41 5.38 -2.77
C GLN A 643 -6.52 5.01 -1.79
N ASN A 644 -7.62 4.47 -2.30
CA ASN A 644 -8.64 3.86 -1.48
C ASN A 644 -8.73 2.38 -1.84
N ASP A 645 -9.47 1.61 -1.04
CA ASP A 645 -9.63 0.20 -1.36
C ASP A 645 -10.25 0.03 -2.74
N LEU A 646 -9.79 -1.01 -3.46
CA LEU A 646 -10.23 -1.30 -4.83
C LEU A 646 -11.04 -2.60 -4.85
N ARG A 647 -12.28 -2.50 -5.32
CA ARG A 647 -13.14 -3.68 -5.47
C ARG A 647 -12.90 -4.35 -6.82
N VAL A 648 -12.82 -5.68 -6.80
CA VAL A 648 -12.56 -6.47 -8.00
C VAL A 648 -13.85 -7.12 -8.46
N SER A 649 -14.16 -7.00 -9.75
CA SER A 649 -15.37 -7.58 -10.34
C SER A 649 -15.22 -7.55 -11.85
N GLN A 650 -15.95 -8.46 -12.52
CA GLN A 650 -15.84 -8.53 -13.97
C GLN A 650 -16.24 -7.21 -14.63
N THR A 651 -17.23 -6.52 -14.06
CA THR A 651 -17.73 -5.30 -14.70
C THR A 651 -16.64 -4.23 -14.79
N PHE A 652 -15.84 -4.09 -13.74
CA PHE A 652 -14.82 -3.04 -13.79
C PHE A 652 -13.68 -3.41 -14.74
N PHE A 653 -13.36 -4.70 -14.86
CA PHE A 653 -12.32 -5.05 -15.82
C PHE A 653 -12.82 -4.92 -17.25
N THR A 654 -14.12 -5.10 -17.47
CA THR A 654 -14.69 -4.89 -18.79
C THR A 654 -14.60 -3.42 -19.20
N GLN A 655 -14.79 -2.52 -18.24
CA GLN A 655 -14.58 -1.10 -18.53
C GLN A 655 -13.13 -0.82 -18.92
N THR A 656 -12.17 -1.41 -18.19
CA THR A 656 -10.77 -1.21 -18.51
C THR A 656 -10.43 -1.76 -19.90
N GLU A 657 -10.96 -2.94 -20.22
CA GLU A 657 -10.71 -3.49 -21.55
C GLU A 657 -11.20 -2.56 -22.66
N GLN A 658 -12.34 -1.89 -22.45
CA GLN A 658 -12.81 -0.94 -23.45
C GLN A 658 -11.85 0.25 -23.58
N HIS A 659 -11.30 0.73 -22.47
CA HIS A 659 -10.29 1.80 -22.54
C HIS A 659 -9.04 1.34 -23.27
N TYR A 660 -8.55 0.15 -22.93
CA TYR A 660 -7.37 -0.39 -23.59
C TYR A 660 -7.60 -0.52 -25.09
N LYS A 661 -8.77 -1.01 -25.48
CA LYS A 661 -9.12 -1.13 -26.89
C LYS A 661 -9.14 0.24 -27.57
N LYS A 662 -9.66 1.26 -26.89
CA LYS A 662 -9.70 2.59 -27.49
C LYS A 662 -8.30 3.13 -27.71
N PHE A 663 -7.41 3.00 -26.70
CA PHE A 663 -6.02 3.39 -26.90
C PHE A 663 -5.38 2.60 -28.02
N ARG A 664 -5.58 1.28 -28.02
CA ARG A 664 -4.91 0.45 -29.00
C ARG A 664 -5.42 0.72 -30.42
N ASN A 665 -6.75 0.83 -30.58
CA ASN A 665 -7.29 1.14 -31.90
C ASN A 665 -6.83 2.50 -32.38
N THR A 666 -6.66 3.46 -31.46
CA THR A 666 -6.19 4.78 -31.83
C THR A 666 -4.76 4.72 -32.33
N LEU A 667 -3.88 4.01 -31.60
CA LEU A 667 -2.49 3.87 -32.05
C LEU A 667 -2.41 3.14 -33.39
N LYS A 668 -3.26 2.12 -33.59
CA LYS A 668 -3.27 1.43 -34.88
C LYS A 668 -3.64 2.37 -36.02
N PHE A 669 -4.69 3.18 -35.82
CA PHE A 669 -5.10 4.09 -36.88
C PHE A 669 -3.99 5.07 -37.22
N LEU A 670 -3.33 5.61 -36.19
CA LEU A 670 -2.23 6.55 -36.39
C LEU A 670 -1.12 5.90 -37.20
N LEU A 671 -0.61 4.76 -36.73
CA LEU A 671 0.45 4.05 -37.45
C LEU A 671 0.05 3.75 -38.89
N ALA A 672 -1.18 3.32 -39.10
CA ALA A 672 -1.63 3.00 -40.46
C ALA A 672 -1.60 4.21 -41.37
N ASN A 673 -1.88 5.39 -40.82
CA ASN A 673 -2.07 6.57 -41.65
C ASN A 673 -0.85 7.46 -41.76
N PHE A 674 0.28 7.09 -41.14
CA PHE A 674 1.54 7.66 -41.60
C PHE A 674 2.52 6.58 -42.04
N SER A 675 2.06 5.33 -42.20
CA SER A 675 2.96 4.27 -42.64
C SER A 675 3.58 4.56 -44.01
N ASP A 676 2.87 5.26 -44.90
CA ASP A 676 3.42 5.45 -46.25
C ASP A 676 4.19 6.77 -46.40
N MET A 677 4.34 7.54 -45.33
CA MET A 677 4.97 8.84 -45.44
C MET A 677 6.45 8.68 -45.80
N ASP A 678 6.90 9.48 -46.76
CA ASP A 678 8.31 9.49 -47.13
C ASP A 678 9.12 10.13 -46.00
N LEU A 679 10.07 9.39 -45.46
CA LEU A 679 10.73 9.87 -44.26
C LEU A 679 11.63 11.08 -44.51
N LYS A 680 11.78 11.50 -45.77
CA LYS A 680 12.40 12.79 -46.04
C LYS A 680 11.56 13.93 -45.46
N ASN A 681 10.25 13.71 -45.30
CA ASN A 681 9.38 14.70 -44.66
C ASN A 681 9.93 15.15 -43.31
N LEU A 682 10.57 14.22 -42.58
CA LEU A 682 11.02 14.51 -41.22
C LEU A 682 12.06 15.62 -41.15
N GLU A 683 12.69 15.97 -42.27
CA GLU A 683 13.70 17.02 -42.24
C GLU A 683 13.14 18.39 -42.57
N ARG A 684 12.15 18.44 -43.32
CA ARG A 684 11.70 19.69 -43.88
C ARG A 684 10.48 20.21 -43.12
N PRO A 685 10.33 21.53 -43.04
CA PRO A 685 9.12 22.08 -42.44
C PRO A 685 7.93 21.87 -43.37
N HIS A 686 6.74 21.95 -42.80
CA HIS A 686 5.53 21.84 -43.57
C HIS A 686 4.67 23.07 -43.31
N ASN A 687 3.82 23.38 -44.28
CA ASN A 687 2.74 24.33 -44.02
C ASN A 687 1.62 23.54 -43.36
N PHE A 688 1.28 23.91 -42.13
CA PHE A 688 0.17 23.29 -41.45
C PHE A 688 -1.08 24.14 -41.60
N SER A 689 -2.22 23.47 -41.71
CA SER A 689 -3.50 24.15 -41.84
C SER A 689 -3.94 24.69 -40.49
N PRO A 690 -4.96 25.56 -40.44
CA PRO A 690 -5.50 25.95 -39.12
C PRO A 690 -5.92 24.74 -38.28
N LEU A 691 -6.59 23.77 -38.89
CA LEU A 691 -6.98 22.58 -38.15
C LEU A 691 -5.76 21.81 -37.65
N ASP A 692 -4.75 21.63 -38.52
CA ASP A 692 -3.49 21.05 -38.07
C ASP A 692 -2.97 21.77 -36.83
N HIS A 693 -2.88 23.10 -36.91
CA HIS A 693 -2.34 23.88 -35.79
C HIS A 693 -3.21 23.73 -34.56
N PHE A 694 -4.54 23.71 -34.75
CA PHE A 694 -5.42 23.50 -33.60
C PHE A 694 -5.11 22.19 -32.90
N MET A 695 -4.83 21.15 -33.68
CA MET A 695 -4.51 19.86 -33.09
C MET A 695 -3.16 19.88 -32.38
N LEU A 696 -2.16 20.54 -32.97
CA LEU A 696 -0.85 20.60 -32.30
C LEU A 696 -0.95 21.41 -31.00
N GLU A 697 -1.64 22.54 -31.05
CA GLU A 697 -1.81 23.36 -29.86
C GLU A 697 -2.62 22.62 -28.80
N THR A 698 -3.66 21.90 -29.21
CA THR A 698 -4.43 21.08 -28.27
C THR A 698 -3.57 19.98 -27.69
N LEU A 699 -2.77 19.32 -28.54
CA LEU A 699 -1.88 18.27 -28.06
C LEU A 699 -0.95 18.78 -26.98
N GLU A 700 -0.40 19.98 -27.17
CA GLU A 700 0.49 20.55 -26.17
C GLU A 700 -0.27 20.86 -24.88
N THR A 701 -1.48 21.41 -24.98
CA THR A 701 -2.23 21.73 -23.77
C THR A 701 -2.59 20.47 -22.99
N ILE A 702 -3.07 19.43 -23.67
CA ILE A 702 -3.44 18.22 -22.93
C ILE A 702 -2.19 17.48 -22.43
N SER A 703 -1.09 17.55 -23.20
CA SER A 703 0.16 16.91 -22.74
C SER A 703 0.63 17.50 -21.42
N ALA A 704 0.54 18.84 -21.27
CA ALA A 704 0.89 19.47 -20.01
C ALA A 704 -0.02 18.98 -18.89
N GLY A 705 -1.31 18.84 -19.17
CA GLY A 705 -2.26 18.38 -18.15
C GLY A 705 -2.03 16.94 -17.74
N VAL A 706 -1.79 16.06 -18.72
CA VAL A 706 -1.44 14.68 -18.39
C VAL A 706 -0.19 14.64 -17.52
N ASN A 707 0.86 15.35 -17.95
CA ASN A 707 2.12 15.32 -17.22
C ASN A 707 1.96 15.82 -15.80
N SER A 708 1.22 16.91 -15.61
CA SER A 708 1.03 17.44 -14.26
C SER A 708 0.28 16.43 -13.39
N ALA A 709 -0.77 15.81 -13.93
CA ALA A 709 -1.50 14.79 -13.19
C ALA A 709 -0.60 13.61 -12.82
N PHE A 710 0.22 13.15 -13.78
CA PHE A 710 1.08 12.02 -13.48
C PHE A 710 2.16 12.39 -12.47
N GLU A 711 2.61 13.66 -12.48
CA GLU A 711 3.60 14.11 -11.50
C GLU A 711 3.06 14.01 -10.08
N GLU A 712 1.76 14.29 -9.91
CA GLU A 712 1.08 14.19 -8.62
C GLU A 712 0.61 12.78 -8.32
N HIS A 713 0.96 11.81 -9.17
CA HIS A 713 0.57 10.41 -9.06
C HIS A 713 -0.94 10.20 -9.20
N ASP A 714 -1.62 11.16 -9.84
CA ASP A 714 -3.06 11.06 -10.12
C ASP A 714 -3.22 10.50 -11.53
N PHE A 715 -3.04 9.18 -11.65
CA PHE A 715 -3.02 8.59 -12.98
C PHE A 715 -4.42 8.58 -13.60
N VAL A 716 -5.45 8.45 -12.75
CA VAL A 716 -6.84 8.58 -13.22
C VAL A 716 -7.06 9.92 -13.91
N LYS A 717 -6.68 11.01 -13.23
CA LYS A 717 -6.90 12.33 -13.82
C LYS A 717 -6.15 12.43 -15.15
N GLY A 718 -4.91 11.94 -15.19
CA GLY A 718 -4.13 12.03 -16.42
C GLY A 718 -4.71 11.18 -17.53
N LEU A 719 -5.10 9.93 -17.21
CA LEU A 719 -5.69 9.08 -18.23
C LEU A 719 -7.03 9.62 -18.71
N ASN A 720 -7.80 10.29 -17.84
CA ASN A 720 -9.07 10.88 -18.27
C ASN A 720 -8.83 12.00 -19.29
N ILE A 721 -7.79 12.81 -19.07
CA ILE A 721 -7.44 13.87 -20.02
C ILE A 721 -7.00 13.26 -21.34
N LEU A 722 -6.13 12.24 -21.27
CA LEU A 722 -5.66 11.61 -22.50
C LEU A 722 -6.80 10.96 -23.26
N MET A 723 -7.68 10.24 -22.53
CA MET A 723 -8.79 9.55 -23.19
C MET A 723 -9.75 10.55 -23.83
N ALA A 724 -10.03 11.67 -23.15
CA ALA A 724 -10.93 12.66 -23.72
C ALA A 724 -10.34 13.26 -24.99
N PHE A 725 -9.02 13.49 -25.00
CA PHE A 725 -8.36 13.99 -26.21
C PHE A 725 -8.45 12.98 -27.33
N VAL A 726 -8.12 11.72 -27.02
CA VAL A 726 -8.19 10.66 -28.02
C VAL A 726 -9.59 10.53 -28.58
N THR A 727 -10.60 10.63 -27.72
CA THR A 727 -11.98 10.39 -28.15
C THR A 727 -12.56 11.59 -28.88
N ASN A 728 -12.32 12.79 -28.36
CA ASN A 728 -13.03 13.96 -28.84
C ASN A 728 -12.23 14.68 -29.92
N GLU A 729 -11.20 15.45 -29.54
CA GLU A 729 -10.48 16.24 -30.54
C GLU A 729 -9.84 15.35 -31.61
N LEU A 730 -9.17 14.28 -31.19
CA LEU A 730 -8.45 13.46 -32.15
C LEU A 730 -9.40 12.66 -33.05
N SER A 731 -10.11 11.68 -32.47
CA SER A 731 -10.92 10.78 -33.28
C SER A 731 -12.15 11.49 -33.83
N GLY A 732 -12.85 12.23 -32.97
CA GLY A 732 -14.11 12.83 -33.37
C GLY A 732 -13.96 13.96 -34.37
N ILE A 733 -12.97 14.83 -34.16
CA ILE A 733 -12.84 16.01 -35.01
C ILE A 733 -11.78 15.76 -36.09
N TYR A 734 -10.53 15.52 -35.67
CA TYR A 734 -9.43 15.57 -36.63
C TYR A 734 -9.45 14.38 -37.58
N LEU A 735 -9.49 13.16 -37.04
CA LEU A 735 -9.40 11.99 -37.91
C LEU A 735 -10.59 11.91 -38.87
N ASP A 736 -11.79 12.26 -38.42
CA ASP A 736 -12.93 12.31 -39.33
C ASP A 736 -12.70 13.33 -40.43
N ALA A 737 -12.28 14.54 -40.07
CA ALA A 737 -12.05 15.60 -41.04
C ALA A 737 -10.90 15.26 -42.00
N CYS A 738 -9.92 14.48 -41.55
CA CYS A 738 -8.76 14.17 -42.39
C CYS A 738 -8.92 12.90 -43.24
N LYS A 739 -9.99 12.13 -43.04
CA LYS A 739 -10.07 10.83 -43.69
C LYS A 739 -10.05 10.95 -45.21
N ASP A 740 -10.74 11.96 -45.76
CA ASP A 740 -10.74 12.13 -47.22
C ASP A 740 -9.33 12.33 -47.75
N SER A 741 -8.57 13.24 -47.14
CA SER A 741 -7.21 13.49 -47.63
C SER A 741 -6.33 12.26 -47.42
N LEU A 742 -6.42 11.64 -46.24
CA LEU A 742 -5.59 10.47 -45.97
C LEU A 742 -5.84 9.36 -46.98
N TYR A 743 -7.09 9.14 -47.36
CA TYR A 743 -7.39 8.03 -48.24
C TYR A 743 -7.44 8.42 -49.72
N CYS A 744 -7.81 9.66 -50.03
CA CYS A 744 -8.10 9.98 -51.43
C CYS A 744 -7.16 10.99 -52.07
N ASP A 745 -6.36 11.71 -51.28
CA ASP A 745 -5.41 12.62 -51.89
C ASP A 745 -4.16 11.87 -52.30
N SER A 746 -3.43 12.45 -53.26
CA SER A 746 -2.17 11.87 -53.68
C SER A 746 -1.20 11.75 -52.51
N LYS A 747 -0.35 10.74 -52.56
CA LYS A 747 0.71 10.61 -51.56
C LYS A 747 1.68 11.78 -51.58
N ASN A 748 1.78 12.48 -52.72
CA ASN A 748 2.63 13.65 -52.87
C ASN A 748 1.96 14.92 -52.39
N ASN A 749 0.67 14.87 -52.05
CA ASN A 749 -0.07 16.06 -51.67
C ASN A 749 0.52 16.65 -50.39
N GLU A 750 0.90 17.92 -50.45
CA GLU A 750 1.58 18.54 -49.31
C GLU A 750 0.65 18.67 -48.10
N LYS A 751 -0.64 18.86 -48.31
CA LYS A 751 -1.54 18.94 -47.18
C LYS A 751 -1.68 17.58 -46.49
N ARG A 752 -1.68 16.50 -47.28
CA ARG A 752 -1.72 15.17 -46.68
C ARG A 752 -0.45 14.90 -45.88
N GLN A 753 0.70 15.31 -46.41
CA GLN A 753 1.97 15.11 -45.71
C GLN A 753 1.98 15.85 -44.38
N ALA A 754 1.42 17.06 -44.34
CA ALA A 754 1.31 17.79 -43.08
C ALA A 754 0.42 17.06 -42.08
N ILE A 755 -0.71 16.51 -42.55
CA ILE A 755 -1.57 15.72 -41.66
C ILE A 755 -0.77 14.57 -41.07
N GLN A 756 -0.01 13.86 -41.92
CA GLN A 756 0.75 12.72 -41.43
C GLN A 756 1.77 13.14 -40.36
N MET A 757 2.40 14.31 -40.51
CA MET A 757 3.31 14.78 -39.47
C MET A 757 2.56 15.06 -38.17
N VAL A 758 1.33 15.56 -38.24
CA VAL A 758 0.55 15.77 -37.01
C VAL A 758 0.24 14.44 -36.34
N LEU A 759 -0.14 13.42 -37.14
CA LEU A 759 -0.39 12.09 -36.58
C LEU A 759 0.88 11.51 -35.96
N LEU A 760 2.04 11.73 -36.60
CA LEU A 760 3.31 11.26 -36.04
C LEU A 760 3.56 11.90 -34.68
N ALA A 761 3.42 13.23 -34.61
CA ALA A 761 3.63 13.91 -33.33
C ALA A 761 2.65 13.43 -32.29
N THR A 762 1.41 13.14 -32.71
CA THR A 762 0.40 12.70 -31.76
C THR A 762 0.70 11.30 -31.24
N ALA A 763 1.07 10.38 -32.13
CA ALA A 763 1.44 9.04 -31.66
C ALA A 763 2.66 9.11 -30.76
N SER A 764 3.57 10.04 -31.04
CA SER A 764 4.77 10.19 -30.22
C SER A 764 4.42 10.54 -28.78
N LYS A 765 3.48 11.47 -28.59
CA LYS A 765 3.09 11.85 -27.22
C LYS A 765 2.31 10.75 -26.53
N LEU A 766 1.42 10.08 -27.27
CA LEU A 766 0.73 8.93 -26.69
C LEU A 766 1.73 7.87 -26.24
N CYS A 767 2.78 7.62 -27.03
CA CYS A 767 3.77 6.64 -26.61
C CYS A 767 4.46 7.07 -25.32
N TYR A 768 4.87 8.34 -25.27
CA TYR A 768 5.60 8.82 -24.10
C TYR A 768 4.73 8.71 -22.84
N PHE A 769 3.49 9.16 -22.91
CA PHE A 769 2.68 9.20 -21.70
C PHE A 769 2.18 7.82 -21.28
N LEU A 770 1.95 6.91 -22.23
CA LEU A 770 1.51 5.56 -21.88
C LEU A 770 2.65 4.60 -21.55
N ALA A 771 3.90 4.96 -21.89
CA ALA A 771 5.02 4.03 -21.70
C ALA A 771 5.17 3.52 -20.26
N PRO A 772 4.97 4.32 -19.21
CA PRO A 772 5.09 3.77 -17.84
C PRO A 772 3.98 2.78 -17.50
N ILE A 773 2.84 2.84 -18.18
CA ILE A 773 1.65 2.06 -17.79
C ILE A 773 1.49 0.84 -18.68
N LEU A 774 1.48 1.06 -20.00
CA LEU A 774 1.31 0.00 -20.99
C LEU A 774 2.63 -0.28 -21.69
N THR A 775 3.66 -0.63 -20.92
CA THR A 775 4.99 -0.68 -21.50
C THR A 775 5.09 -1.72 -22.61
N HIS A 776 4.49 -2.90 -22.41
CA HIS A 776 4.51 -3.92 -23.47
C HIS A 776 3.85 -3.39 -24.75
N THR A 777 2.73 -2.69 -24.62
CA THR A 777 1.99 -2.26 -25.81
C THR A 777 2.77 -1.18 -26.56
N ILE A 778 3.44 -0.28 -25.82
CA ILE A 778 4.20 0.76 -26.50
C ILE A 778 5.47 0.17 -27.12
N GLU A 779 6.09 -0.80 -26.44
CA GLU A 779 7.16 -1.57 -27.08
C GLU A 779 6.67 -2.17 -28.40
N GLU A 780 5.46 -2.71 -28.40
CA GLU A 780 4.88 -3.29 -29.63
C GLU A 780 4.65 -2.21 -30.68
N VAL A 781 4.20 -1.03 -30.27
CA VAL A 781 3.95 0.04 -31.23
C VAL A 781 5.23 0.42 -31.96
N LEU A 782 6.32 0.62 -31.20
CA LEU A 782 7.59 0.96 -31.83
C LEU A 782 8.11 -0.17 -32.71
N GLU A 783 7.88 -1.43 -32.31
CA GLU A 783 8.35 -2.56 -33.09
C GLU A 783 7.73 -2.56 -34.48
N HIS A 784 6.52 -2.01 -34.61
CA HIS A 784 5.78 -2.07 -35.87
C HIS A 784 5.83 -0.77 -36.66
N SER A 785 6.55 0.26 -36.21
CA SER A 785 6.53 1.55 -36.90
C SER A 785 7.94 2.11 -37.08
N GLN A 786 8.52 1.87 -38.25
CA GLN A 786 9.82 2.44 -38.58
C GLN A 786 9.78 3.97 -38.54
N ALA A 787 8.68 4.58 -39.00
CA ALA A 787 8.58 6.04 -38.99
C ALA A 787 8.70 6.60 -37.57
N LEU A 788 7.98 5.99 -36.61
CA LEU A 788 8.09 6.44 -35.24
C LEU A 788 9.51 6.25 -34.71
N ARG A 789 10.13 5.11 -34.99
CA ARG A 789 11.47 4.86 -34.48
C ARG A 789 12.45 5.91 -35.00
N ILE A 790 12.33 6.27 -36.28
CA ILE A 790 13.23 7.28 -36.83
C ILE A 790 12.91 8.66 -36.26
N PHE A 791 11.61 9.02 -36.24
CA PHE A 791 11.20 10.33 -35.73
C PHE A 791 11.67 10.54 -34.30
N LEU A 792 11.55 9.49 -33.46
CA LEU A 792 11.91 9.57 -32.05
C LEU A 792 13.34 9.15 -31.75
N GLN A 793 14.12 8.77 -32.77
CA GLN A 793 15.46 8.27 -32.56
C GLN A 793 15.47 7.19 -31.49
N ALA A 794 14.57 6.22 -31.66
CA ALA A 794 14.30 5.22 -30.63
C ALA A 794 14.42 3.81 -31.18
N LYS A 795 15.40 3.05 -30.69
CA LYS A 795 15.48 1.63 -31.02
C LYS A 795 14.28 0.88 -30.47
N ASP A 796 13.82 1.27 -29.29
CA ASP A 796 12.78 0.54 -28.56
C ASP A 796 12.26 1.47 -27.47
N VAL A 797 11.40 0.94 -26.59
CA VAL A 797 10.66 1.78 -25.65
C VAL A 797 11.60 2.48 -24.68
N PHE A 798 12.75 1.89 -24.41
CA PHE A 798 13.69 2.44 -23.44
C PHE A 798 14.48 3.62 -23.99
N ASP A 799 14.36 3.93 -25.28
CA ASP A 799 14.94 5.14 -25.83
C ASP A 799 13.97 6.32 -25.89
N LEU A 800 12.74 6.14 -25.39
CA LEU A 800 11.77 7.23 -25.50
C LEU A 800 12.19 8.39 -24.62
N LYS A 801 11.89 9.59 -25.09
CA LYS A 801 12.10 10.82 -24.36
C LYS A 801 10.93 11.73 -24.66
N ASP A 802 10.67 12.71 -23.79
CA ASP A 802 9.67 13.70 -24.14
C ASP A 802 10.26 14.57 -25.25
N ILE A 803 9.53 14.74 -26.32
CA ILE A 803 10.04 15.48 -27.46
C ILE A 803 9.41 16.86 -27.48
N SER A 804 10.14 17.82 -28.07
CA SER A 804 9.57 19.12 -28.38
C SER A 804 8.94 19.03 -29.76
N VAL A 805 7.60 18.93 -29.78
CA VAL A 805 6.89 18.94 -31.05
C VAL A 805 7.25 20.18 -31.86
N SER A 806 7.39 21.33 -31.18
CA SER A 806 7.73 22.57 -31.87
C SER A 806 9.05 22.44 -32.63
N GLU A 807 10.07 21.85 -31.99
CA GLU A 807 11.36 21.71 -32.66
C GLU A 807 11.31 20.65 -33.75
N LYS A 808 10.68 19.50 -33.47
CA LYS A 808 10.62 18.41 -34.45
C LYS A 808 9.85 18.80 -35.70
N LEU A 809 8.81 19.63 -35.56
CA LEU A 809 7.99 20.04 -36.69
C LEU A 809 8.36 21.42 -37.22
N HIS A 810 9.39 22.05 -36.63
CA HIS A 810 9.95 23.31 -37.13
C HIS A 810 8.90 24.43 -37.10
N LEU A 811 8.15 24.49 -36.02
CA LEU A 811 7.12 25.52 -35.87
C LEU A 811 7.74 26.87 -35.52
N LYS A 812 7.07 27.93 -35.96
CA LYS A 812 7.55 29.29 -35.74
C LYS A 812 7.30 29.74 -34.30
N GLU A 813 8.24 30.51 -33.76
CA GLU A 813 8.23 30.83 -32.34
C GLU A 813 6.98 31.61 -31.92
N PHE A 814 6.66 32.68 -32.66
CA PHE A 814 5.61 33.60 -32.23
C PHE A 814 4.27 33.33 -32.90
N LYS A 815 4.05 32.12 -33.40
CA LYS A 815 2.80 31.83 -34.11
C LYS A 815 1.63 31.93 -33.14
N LYS A 816 0.62 32.71 -33.54
CA LYS A 816 -0.48 32.98 -32.63
C LYS A 816 -1.48 31.81 -32.64
N PRO A 817 -1.91 31.33 -31.47
CA PRO A 817 -2.75 30.12 -31.44
C PRO A 817 -4.04 30.30 -32.22
N GLU A 818 -4.53 29.19 -32.78
CA GLU A 818 -5.85 29.15 -33.35
C GLU A 818 -6.90 29.40 -32.27
N ASN A 819 -8.05 29.94 -32.69
CA ASN A 819 -9.21 30.06 -31.82
C ASN A 819 -10.39 29.45 -32.55
N PHE A 820 -10.80 28.25 -32.12
CA PHE A 820 -11.84 27.48 -32.80
C PHE A 820 -13.18 27.54 -32.07
N GLU A 821 -13.36 28.45 -31.11
CA GLU A 821 -14.61 28.51 -30.36
C GLU A 821 -15.80 28.69 -31.30
N ALA A 822 -15.69 29.61 -32.26
CA ALA A 822 -16.83 29.92 -33.11
C ALA A 822 -17.14 28.77 -34.08
N VAL A 823 -16.11 28.19 -34.69
CA VAL A 823 -16.40 27.20 -35.71
C VAL A 823 -16.83 25.87 -35.08
N LEU A 824 -16.36 25.56 -33.88
CA LEU A 824 -16.78 24.32 -33.22
C LEU A 824 -18.21 24.44 -32.69
N ALA A 825 -18.64 25.64 -32.31
CA ALA A 825 -20.04 25.86 -31.95
C ALA A 825 -20.96 25.73 -33.17
N LEU A 826 -20.52 26.24 -34.32
CA LEU A 826 -21.26 26.00 -35.56
C LEU A 826 -21.32 24.52 -35.88
N ARG A 827 -20.21 23.81 -35.68
CA ARG A 827 -20.16 22.38 -35.98
C ARG A 827 -21.17 21.60 -35.12
N SER A 828 -21.17 21.86 -33.81
CA SER A 828 -22.11 21.15 -32.94
C SER A 828 -23.55 21.48 -33.30
N ALA A 829 -23.82 22.74 -33.65
CA ALA A 829 -25.17 23.12 -34.01
C ALA A 829 -25.57 22.48 -35.34
N PHE A 830 -24.63 22.41 -36.28
CA PHE A 830 -24.91 21.74 -37.55
C PHE A 830 -25.17 20.25 -37.33
N ASN A 831 -24.37 19.61 -36.48
CA ASN A 831 -24.53 18.18 -36.28
C ASN A 831 -25.84 17.85 -35.59
N GLU A 832 -26.31 18.72 -34.70
CA GLU A 832 -27.62 18.53 -34.07
C GLU A 832 -28.75 18.68 -35.08
N GLU A 833 -28.62 19.64 -36.00
CA GLU A 833 -29.62 19.79 -37.06
C GLU A 833 -29.56 18.62 -38.04
N LEU A 834 -28.34 18.16 -38.37
CA LEU A 834 -28.21 17.02 -39.26
C LEU A 834 -28.80 15.76 -38.64
N ASP A 835 -28.57 15.56 -37.33
CA ASP A 835 -29.20 14.47 -36.60
C ASP A 835 -30.70 14.43 -36.84
N ARG A 836 -31.34 15.60 -36.79
CA ARG A 836 -32.79 15.67 -36.92
C ARG A 836 -33.24 15.33 -38.32
N LEU A 837 -32.52 15.82 -39.34
CA LEU A 837 -32.86 15.50 -40.72
C LEU A 837 -32.64 14.03 -41.04
N LYS A 838 -31.67 13.39 -40.38
CA LYS A 838 -31.41 11.98 -40.67
C LYS A 838 -32.58 11.10 -40.24
N LYS A 839 -33.09 11.30 -39.03
CA LYS A 839 -34.21 10.50 -38.56
C LYS A 839 -35.51 10.84 -39.26
N GLU A 840 -35.61 12.01 -39.88
CA GLU A 840 -36.74 12.30 -40.75
C GLU A 840 -36.64 11.62 -42.10
N GLY A 841 -35.46 11.10 -42.44
CA GLY A 841 -35.24 10.52 -43.75
C GLY A 841 -34.90 11.50 -44.84
N VAL A 842 -34.67 12.78 -44.50
CA VAL A 842 -34.45 13.80 -45.52
C VAL A 842 -33.11 13.60 -46.21
N ILE A 843 -32.09 13.17 -45.47
CA ILE A 843 -30.74 12.89 -46.00
C ILE A 843 -30.09 11.83 -45.12
N LYS A 844 -28.97 11.28 -45.61
CA LYS A 844 -28.25 10.21 -44.92
C LYS A 844 -26.90 10.65 -44.35
N ASN A 845 -26.32 11.75 -44.82
CA ASN A 845 -24.94 12.06 -44.49
C ASN A 845 -24.70 13.56 -44.64
N SER A 846 -23.72 14.07 -43.87
CA SER A 846 -23.34 15.47 -43.98
C SER A 846 -22.84 15.81 -45.38
N LEU A 847 -22.25 14.84 -46.07
CA LEU A 847 -21.66 15.09 -47.38
C LEU A 847 -22.72 15.44 -48.42
N GLU A 848 -23.98 15.05 -48.21
CA GLU A 848 -25.05 15.40 -49.14
C GLU A 848 -25.45 16.88 -49.05
N CYS A 849 -24.97 17.60 -48.06
CA CYS A 849 -25.45 18.93 -47.75
C CYS A 849 -24.55 20.02 -48.31
N ALA A 850 -25.18 21.15 -48.61
CA ALA A 850 -24.52 22.45 -48.70
C ALA A 850 -24.97 23.29 -47.52
N ILE A 851 -24.04 24.05 -46.96
CA ILE A 851 -24.36 24.97 -45.88
C ILE A 851 -24.00 26.37 -46.34
N GLU A 852 -24.88 27.32 -46.10
CA GLU A 852 -24.53 28.73 -46.19
C GLU A 852 -24.57 29.30 -44.79
N VAL A 853 -23.44 29.80 -44.34
CA VAL A 853 -23.30 30.32 -42.99
C VAL A 853 -23.55 31.80 -43.02
N LYS A 854 -24.48 32.26 -42.19
CA LYS A 854 -24.77 33.68 -42.11
C LYS A 854 -23.60 34.46 -41.52
N GLU A 855 -22.74 33.81 -40.73
CA GLU A 855 -21.55 34.45 -40.20
C GLU A 855 -20.47 34.43 -41.29
N LYS A 856 -20.32 35.56 -41.98
CA LYS A 856 -19.31 35.66 -43.03
C LYS A 856 -17.89 35.64 -42.48
N ALA A 857 -17.71 35.75 -41.16
CA ALA A 857 -16.40 35.87 -40.54
C ALA A 857 -15.61 34.57 -40.47
N LEU A 858 -16.15 33.44 -40.92
CA LEU A 858 -15.50 32.16 -40.71
C LEU A 858 -14.81 31.70 -41.99
N ASP A 859 -13.60 31.14 -41.81
CA ASP A 859 -12.84 30.48 -42.86
C ASP A 859 -13.71 29.39 -43.49
N GLU A 860 -14.15 29.61 -44.73
CA GLU A 860 -15.12 28.72 -45.34
C GLU A 860 -14.57 27.33 -45.61
N ASN A 861 -13.26 27.23 -45.86
CA ASN A 861 -12.71 25.91 -46.10
C ASN A 861 -12.58 25.13 -44.80
N LEU A 862 -12.32 25.83 -43.69
CA LEU A 862 -12.36 25.19 -42.37
C LEU A 862 -13.76 24.69 -42.04
N VAL A 863 -14.79 25.50 -42.34
CA VAL A 863 -16.17 25.06 -42.14
C VAL A 863 -16.44 23.77 -42.91
N GLU A 864 -16.14 23.78 -44.21
CA GLU A 864 -16.33 22.57 -45.02
C GLU A 864 -15.56 21.40 -44.44
N GLU A 865 -14.33 21.66 -43.99
CA GLU A 865 -13.48 20.62 -43.45
C GLU A 865 -14.07 20.00 -42.20
N LEU A 866 -14.54 20.85 -41.27
CA LEU A 866 -14.95 20.41 -39.94
C LEU A 866 -16.36 19.82 -39.93
N LEU A 867 -17.25 20.35 -40.77
CA LEU A 867 -18.63 19.86 -40.82
C LEU A 867 -18.79 18.75 -41.83
N MET A 868 -17.82 18.57 -42.70
CA MET A 868 -17.81 17.52 -43.72
C MET A 868 -19.09 17.58 -44.55
N VAL A 869 -19.43 18.80 -44.93
CA VAL A 869 -20.35 19.05 -46.01
C VAL A 869 -19.56 19.00 -47.31
N SER A 870 -20.26 18.89 -48.44
CA SER A 870 -19.55 18.88 -49.72
C SER A 870 -19.53 20.25 -50.38
N PHE A 871 -20.13 21.26 -49.75
CA PHE A 871 -20.24 22.56 -50.39
C PHE A 871 -20.61 23.64 -49.38
N VAL A 872 -19.90 24.76 -49.42
CA VAL A 872 -20.19 25.93 -48.59
C VAL A 872 -20.65 27.05 -49.51
N GLY A 873 -21.86 27.54 -49.27
CA GLY A 873 -22.50 28.51 -50.14
C GLY A 873 -23.96 28.17 -50.32
N ILE A 874 -24.58 28.81 -51.31
CA ILE A 874 -26.00 28.72 -51.57
C ILE A 874 -26.25 27.65 -52.62
N ALA A 875 -27.38 26.96 -52.52
CA ALA A 875 -27.80 26.01 -53.55
C ALA A 875 -29.32 26.12 -53.72
N LYS A 876 -29.91 25.17 -54.44
CA LYS A 876 -31.28 25.30 -54.90
C LYS A 876 -32.31 24.72 -53.94
N GLU A 877 -32.12 23.47 -53.50
CA GLU A 877 -33.15 22.77 -52.73
C GLU A 877 -32.90 22.97 -51.24
N LYS A 878 -33.72 23.81 -50.61
CA LYS A 878 -33.58 24.11 -49.19
C LYS A 878 -34.07 22.94 -48.34
N LEU A 879 -33.22 22.47 -47.42
CA LEU A 879 -33.60 21.38 -46.51
C LEU A 879 -34.08 21.89 -45.16
N SER A 880 -33.37 22.85 -44.58
CA SER A 880 -33.76 23.40 -43.29
C SER A 880 -33.04 24.73 -43.09
N GLU A 881 -33.43 25.42 -42.02
CA GLU A 881 -32.84 26.72 -41.72
C GLU A 881 -32.84 26.96 -40.22
N THR A 882 -31.77 27.57 -39.74
CA THR A 882 -31.61 28.01 -38.37
C THR A 882 -31.19 29.47 -38.38
N PRO A 883 -31.09 30.11 -37.21
CA PRO A 883 -30.53 31.48 -37.18
C PRO A 883 -29.11 31.56 -37.73
N ALA A 884 -28.33 30.49 -37.64
CA ALA A 884 -26.91 30.56 -37.99
C ALA A 884 -26.61 30.17 -39.44
N PHE A 885 -27.49 29.39 -40.08
CA PHE A 885 -27.12 28.82 -41.37
C PHE A 885 -28.36 28.26 -42.04
N THR A 886 -28.22 28.02 -43.35
CA THR A 886 -29.24 27.34 -44.14
C THR A 886 -28.61 26.10 -44.77
N LEU A 887 -29.35 25.00 -44.77
CA LEU A 887 -28.88 23.73 -45.32
C LEU A 887 -29.62 23.42 -46.62
N PHE A 888 -28.86 23.00 -47.63
CA PHE A 888 -29.40 22.61 -48.92
C PHE A 888 -28.85 21.24 -49.29
N LYS A 889 -29.48 20.59 -50.26
CA LYS A 889 -28.85 19.45 -50.90
C LYS A 889 -27.71 19.94 -51.79
N ALA A 890 -26.57 19.30 -51.68
CA ALA A 890 -25.44 19.65 -52.54
C ALA A 890 -25.85 19.47 -54.00
N PRO A 891 -25.60 20.47 -54.86
CA PRO A 891 -25.96 20.36 -56.28
C PRO A 891 -24.86 19.71 -57.10
N PHE A 892 -24.49 18.50 -56.71
CA PHE A 892 -23.49 17.69 -57.40
C PHE A 892 -23.89 16.23 -57.26
N TYR A 893 -23.25 15.40 -58.08
CA TYR A 893 -23.33 13.96 -57.92
C TYR A 893 -22.30 13.45 -56.92
N LYS A 894 -22.61 12.28 -56.35
CA LYS A 894 -21.64 11.61 -55.50
C LYS A 894 -20.50 11.09 -56.37
N CYS A 895 -19.27 11.40 -55.95
CA CYS A 895 -18.10 10.90 -56.66
C CYS A 895 -17.93 9.41 -56.37
N PRO A 896 -17.76 8.56 -57.39
CA PRO A 896 -17.67 7.12 -57.14
C PRO A 896 -16.38 6.71 -56.43
N ARG A 897 -15.37 7.57 -56.42
CA ARG A 897 -14.13 7.21 -55.73
C ARG A 897 -14.09 7.71 -54.29
N CYS A 898 -14.41 8.99 -54.04
CA CYS A 898 -14.26 9.53 -52.70
C CYS A 898 -15.59 9.68 -51.96
N TRP A 899 -16.71 9.48 -52.66
CA TRP A 899 -18.07 9.55 -52.12
C TRP A 899 -18.46 10.94 -51.62
N ARG A 900 -17.67 11.96 -51.91
CA ARG A 900 -18.09 13.33 -51.68
C ARG A 900 -19.00 13.77 -52.82
N PHE A 901 -19.93 14.67 -52.51
CA PHE A 901 -20.85 15.18 -53.52
C PHE A 901 -20.20 16.37 -54.23
N LYS A 902 -19.22 16.05 -55.07
CA LYS A 902 -18.41 17.06 -55.72
C LYS A 902 -18.27 16.82 -57.22
N SER A 903 -19.01 15.88 -57.78
CA SER A 903 -18.91 15.52 -59.19
C SER A 903 -19.99 16.24 -60.01
N GLU A 904 -19.57 16.82 -61.13
CA GLU A 904 -20.51 17.44 -62.05
C GLU A 904 -21.29 16.41 -62.87
N LEU A 905 -20.79 15.18 -62.99
CA LEU A 905 -21.43 14.15 -63.81
C LEU A 905 -21.66 12.89 -62.99
N GLU A 906 -22.73 12.18 -63.34
CA GLU A 906 -23.09 10.96 -62.64
C GLU A 906 -21.99 9.92 -62.82
N ASN A 907 -21.60 9.29 -61.72
CA ASN A 907 -20.69 8.14 -61.74
C ASN A 907 -19.36 8.51 -62.39
N THR A 908 -18.92 9.74 -62.16
CA THR A 908 -17.70 10.26 -62.76
C THR A 908 -16.82 10.85 -61.67
N PRO A 909 -15.56 10.46 -61.61
CA PRO A 909 -14.67 11.03 -60.59
C PRO A 909 -14.67 12.55 -60.59
N CYS A 910 -14.75 13.12 -59.38
CA CYS A 910 -14.62 14.55 -59.17
C CYS A 910 -13.23 15.02 -59.65
N LYS A 911 -13.08 16.35 -59.70
CA LYS A 911 -11.86 16.94 -60.25
C LYS A 911 -10.63 16.48 -59.47
N ARG A 912 -10.68 16.50 -58.14
CA ARG A 912 -9.54 16.04 -57.35
C ARG A 912 -9.19 14.60 -57.70
N CYS A 913 -10.19 13.71 -57.67
CA CYS A 913 -9.94 12.29 -57.93
C CYS A 913 -9.44 12.06 -59.34
N GLU A 914 -10.02 12.75 -60.32
CA GLU A 914 -9.54 12.65 -61.69
C GLU A 914 -8.03 12.87 -61.74
N GLN A 915 -7.56 13.94 -61.10
CA GLN A 915 -6.14 14.24 -61.09
C GLN A 915 -5.34 13.10 -60.46
N VAL A 916 -5.78 12.63 -59.29
CA VAL A 916 -5.04 11.58 -58.59
C VAL A 916 -4.97 10.32 -59.44
N LEU A 917 -6.07 9.97 -60.11
CA LEU A 917 -6.11 8.77 -60.93
C LEU A 917 -5.17 8.86 -62.14
N LYS A 918 -4.92 10.08 -62.64
CA LYS A 918 -4.06 10.29 -63.79
C LYS A 918 -2.57 10.28 -63.43
N GLU A 919 -2.23 10.31 -62.15
CA GLU A 919 -0.83 10.31 -61.73
C GLU A 919 -0.10 9.05 -62.19
#